data_9KDP
#
_entry.id   9KDP
#
_cell.length_a   70.377
_cell.length_b   93.757
_cell.length_c   172.229
_cell.angle_alpha   90.00
_cell.angle_beta   90.00
_cell.angle_gamma   90.00
#
_symmetry.space_group_name_H-M   'P 21 21 21'
#
loop_
_entity.id
_entity.type
_entity.pdbx_description
1 polymer 'Anthrone monooxygenase'
2 water water
#
_entity_poly.entity_id   1
_entity_poly.type   'polypeptide(L)'
_entity_poly.pdbx_seq_one_letter_code
;MPVIAANDGCLTVFNMFTTDTIDGQRELLKEMRDIIDNGNFTGWRSSTLHAGQDEHGTANYIQWRSLADLEARYAGEGYK
NNTVPLFKQISTSVHLLKTEVVFSQHHPDLPRIEISPERDDYTVIIVMDVAAQDQAALVQVLGRPDEWIKTVPGYLSHAL
CRGIDGTFVVLYAQWESKERYDAFHTMPESARPQAVREQRAFTDTLITARRSNTYRVVHTRSAGSPAVSIMNQEGTWQAR
ATSRP
;
_entity_poly.pdbx_strand_id   A,B,C,D
#
# COMPACT_ATOMS: atom_id res chain seq x y z
N PRO A 2 1.14 -17.13 15.23
CA PRO A 2 1.99 -17.10 14.04
C PRO A 2 1.75 -15.93 13.06
N VAL A 3 0.68 -15.18 13.32
CA VAL A 3 0.42 -13.98 12.48
C VAL A 3 -0.08 -14.38 11.09
N ILE A 4 -1.00 -13.59 10.59
CA ILE A 4 -1.56 -13.80 9.26
C ILE A 4 -1.53 -12.45 8.53
N ALA A 5 -0.87 -12.42 7.37
CA ALA A 5 -0.73 -11.18 6.62
C ALA A 5 -0.34 -11.49 5.19
N ALA A 6 -1.11 -10.98 4.23
CA ALA A 6 -0.88 -11.28 2.80
C ALA A 6 0.55 -11.00 2.36
N ASN A 7 1.23 -10.04 3.01
CA ASN A 7 2.55 -9.61 2.57
C ASN A 7 3.63 -10.66 2.76
N ASP A 8 3.43 -11.65 3.63
CA ASP A 8 4.53 -12.56 3.94
C ASP A 8 4.80 -13.46 2.73
N GLY A 9 5.82 -14.30 2.85
CA GLY A 9 6.16 -15.14 1.73
C GLY A 9 5.74 -16.58 1.90
N CYS A 10 4.51 -16.82 2.34
CA CYS A 10 4.15 -18.17 2.77
C CYS A 10 2.92 -18.68 2.02
N LEU A 11 2.95 -19.97 1.73
CA LEU A 11 1.75 -20.66 1.34
C LEU A 11 1.02 -21.08 2.61
N THR A 12 -0.32 -21.10 2.56
CA THR A 12 -1.15 -21.34 3.73
C THR A 12 -2.06 -22.53 3.46
N VAL A 13 -1.93 -23.58 4.29
CA VAL A 13 -2.60 -24.86 4.10
C VAL A 13 -3.61 -25.09 5.22
N PHE A 14 -4.80 -25.53 4.86
CA PHE A 14 -5.86 -25.84 5.81
C PHE A 14 -6.12 -27.34 5.76
N ASN A 15 -5.52 -28.11 6.69
CA ASN A 15 -5.92 -29.50 6.89
C ASN A 15 -7.11 -29.56 7.82
N MET A 16 -8.30 -29.73 7.25
CA MET A 16 -9.54 -29.72 8.02
C MET A 16 -10.11 -31.13 8.10
N PHE A 17 -10.62 -31.47 9.29
CA PHE A 17 -11.12 -32.81 9.56
C PHE A 17 -12.48 -32.71 10.22
N THR A 18 -13.24 -33.77 10.02
CA THR A 18 -14.46 -34.04 10.75
C THR A 18 -14.37 -35.45 11.35
N THR A 19 -15.09 -35.65 12.43
CA THR A 19 -15.10 -36.92 13.12
C THR A 19 -16.50 -37.21 13.58
N ASP A 20 -16.81 -38.50 13.72
CA ASP A 20 -18.06 -38.91 14.33
C ASP A 20 -17.97 -39.03 15.85
N THR A 21 -16.77 -39.07 16.42
CA THR A 21 -16.58 -39.28 17.84
C THR A 21 -15.69 -38.21 18.43
N ILE A 22 -15.83 -37.99 19.74
CA ILE A 22 -14.83 -37.25 20.48
C ILE A 22 -13.50 -38.01 20.48
N ASP A 23 -13.56 -39.34 20.52
CA ASP A 23 -12.36 -40.15 20.34
C ASP A 23 -11.58 -39.69 19.10
N GLY A 24 -12.31 -39.33 18.03
CA GLY A 24 -11.73 -38.85 16.79
C GLY A 24 -10.96 -37.56 16.92
N GLN A 25 -11.61 -36.50 17.40
CA GLN A 25 -10.88 -35.25 17.67
C GLN A 25 -9.66 -35.51 18.57
N ARG A 26 -9.82 -36.31 19.63
CA ARG A 26 -8.73 -36.55 20.57
C ARG A 26 -7.52 -37.15 19.86
N GLU A 27 -7.72 -38.24 19.12
CA GLU A 27 -6.62 -38.91 18.45
C GLU A 27 -6.02 -38.03 17.36
N LEU A 28 -6.86 -37.31 16.63
CA LEU A 28 -6.35 -36.35 15.66
C LEU A 28 -5.49 -35.30 16.34
N LEU A 29 -6.02 -34.64 17.37
CA LEU A 29 -5.28 -33.58 18.05
C LEU A 29 -3.96 -34.09 18.64
N LYS A 30 -3.96 -35.30 19.19
CA LYS A 30 -2.72 -35.83 19.74
C LYS A 30 -1.76 -36.22 18.63
N GLU A 31 -2.29 -36.70 17.52
CA GLU A 31 -1.45 -37.12 16.41
C GLU A 31 -0.80 -35.93 15.72
N MET A 32 -1.54 -34.83 15.63
CA MET A 32 -1.01 -33.61 15.03
C MET A 32 -0.09 -32.85 15.98
N ARG A 33 -0.50 -32.69 17.25
CA ARG A 33 0.41 -32.09 18.24
C ARG A 33 1.75 -32.80 18.26
N ASP A 34 1.74 -34.13 18.15
CA ASP A 34 3.00 -34.87 18.11
C ASP A 34 3.84 -34.45 16.90
N ILE A 35 3.23 -34.40 15.72
CA ILE A 35 3.96 -33.99 14.51
C ILE A 35 4.43 -32.55 14.63
N ILE A 36 3.58 -31.66 15.18
CA ILE A 36 3.97 -30.26 15.36
C ILE A 36 5.17 -30.14 16.30
N ASP A 37 5.09 -30.79 17.48
CA ASP A 37 6.10 -30.61 18.53
C ASP A 37 7.41 -31.33 18.21
N ASN A 38 7.37 -32.40 17.41
CA ASN A 38 8.56 -33.18 17.15
C ASN A 38 9.09 -33.07 15.73
N GLY A 39 8.26 -32.72 14.76
CA GLY A 39 8.67 -32.79 13.36
C GLY A 39 9.64 -31.68 12.96
N ASN A 40 10.51 -32.03 12.00
CA ASN A 40 11.56 -31.15 11.49
C ASN A 40 11.03 -30.30 10.34
N PHE A 41 10.86 -30.91 9.17
CA PHE A 41 10.23 -30.23 8.01
C PHE A 41 10.97 -29.00 7.50
N THR A 42 11.76 -29.20 6.45
CA THR A 42 12.37 -28.04 5.80
C THR A 42 11.31 -27.14 5.17
N GLY A 43 11.44 -25.84 5.37
CA GLY A 43 10.50 -24.88 4.85
C GLY A 43 9.20 -24.77 5.60
N TRP A 44 9.09 -25.39 6.78
CA TRP A 44 7.88 -25.26 7.59
C TRP A 44 8.02 -24.05 8.49
N ARG A 45 7.00 -23.20 8.49
CA ARG A 45 7.06 -21.97 9.28
C ARG A 45 6.35 -22.11 10.62
N SER A 46 5.15 -22.68 10.63
CA SER A 46 4.35 -22.74 11.85
C SER A 46 3.10 -23.56 11.55
N SER A 47 2.51 -24.09 12.62
CA SER A 47 1.24 -24.80 12.60
C SER A 47 0.39 -24.31 13.75
N THR A 48 -0.91 -24.19 13.54
CA THR A 48 -1.82 -23.86 14.63
C THR A 48 -3.01 -24.80 14.62
N LEU A 49 -3.11 -25.61 15.67
CA LEU A 49 -4.13 -26.63 15.78
C LEU A 49 -5.45 -26.07 16.32
N HIS A 50 -6.55 -26.39 15.61
CA HIS A 50 -7.89 -25.95 15.97
C HIS A 50 -8.77 -27.14 16.33
N ALA A 51 -9.74 -26.91 17.23
CA ALA A 51 -10.52 -28.01 17.81
C ALA A 51 -11.95 -28.02 17.35
N GLY A 52 -12.78 -27.07 17.75
CA GLY A 52 -14.17 -27.25 17.36
C GLY A 52 -15.01 -27.60 18.57
N GLN A 53 -16.03 -26.77 18.82
CA GLN A 53 -16.73 -26.80 20.09
C GLN A 53 -17.35 -28.17 20.37
N ASP A 54 -17.97 -28.78 19.36
CA ASP A 54 -18.64 -30.06 19.53
C ASP A 54 -17.61 -31.19 19.61
N GLU A 55 -16.36 -30.83 19.93
CA GLU A 55 -15.26 -31.79 20.08
C GLU A 55 -15.20 -32.77 18.90
N HIS A 56 -15.56 -32.27 17.72
CA HIS A 56 -15.69 -33.08 16.52
C HIS A 56 -14.87 -32.41 15.42
N GLY A 57 -13.86 -33.12 14.93
CA GLY A 57 -13.12 -32.60 13.79
C GLY A 57 -12.11 -31.54 14.18
N THR A 58 -11.02 -31.45 13.43
CA THR A 58 -9.94 -30.57 13.81
C THR A 58 -9.46 -29.83 12.57
N ALA A 59 -8.69 -28.77 12.79
CA ALA A 59 -8.17 -27.96 11.69
C ALA A 59 -6.74 -27.57 11.98
N ASN A 60 -5.81 -28.01 11.13
CA ASN A 60 -4.42 -27.55 11.17
C ASN A 60 -4.18 -26.42 10.15
N TYR A 61 -3.83 -25.23 10.66
CA TYR A 61 -3.46 -24.07 9.84
C TYR A 61 -1.93 -24.00 9.77
N ILE A 62 -1.37 -24.16 8.58
CA ILE A 62 0.07 -24.42 8.48
C ILE A 62 0.69 -23.47 7.47
N GLN A 63 1.73 -22.77 7.90
CA GLN A 63 2.43 -21.80 7.07
C GLN A 63 3.68 -22.46 6.48
N TRP A 64 3.77 -22.45 5.16
CA TRP A 64 4.89 -23.04 4.46
C TRP A 64 5.65 -21.96 3.70
N ARG A 65 6.95 -22.15 3.58
CA ARG A 65 7.75 -21.18 2.85
C ARG A 65 7.45 -21.27 1.36
N SER A 66 7.37 -22.50 0.84
CA SER A 66 7.22 -22.70 -0.59
C SER A 66 6.43 -23.96 -0.85
N LEU A 67 5.84 -24.02 -2.04
CA LEU A 67 5.13 -25.23 -2.46
C LEU A 67 6.08 -26.43 -2.53
N ALA A 68 7.35 -26.20 -2.89
CA ALA A 68 8.29 -27.31 -2.97
C ALA A 68 8.47 -27.98 -1.61
N ASP A 69 8.60 -27.18 -0.54
CA ASP A 69 8.64 -27.74 0.81
C ASP A 69 7.34 -28.50 1.13
N LEU A 70 6.22 -28.03 0.57
CA LEU A 70 4.92 -28.65 0.83
C LEU A 70 4.87 -30.07 0.28
N GLU A 71 5.01 -30.21 -1.05
CA GLU A 71 4.96 -31.54 -1.66
C GLU A 71 6.06 -32.45 -1.13
N ALA A 72 7.21 -31.88 -0.74
CA ALA A 72 8.30 -32.66 -0.17
C ALA A 72 7.84 -33.43 1.07
N ARG A 73 7.20 -32.72 2.00
CA ARG A 73 6.63 -33.40 3.17
C ARG A 73 5.57 -34.42 2.75
N TYR A 74 4.89 -34.17 1.64
CA TYR A 74 3.86 -35.05 1.11
C TYR A 74 4.45 -36.21 0.28
N ALA A 75 5.74 -36.49 0.45
CA ALA A 75 6.41 -37.58 -0.25
C ALA A 75 6.76 -38.70 0.73
N GLY A 78 7.30 -42.48 5.21
CA GLY A 78 7.35 -41.14 5.76
C GLY A 78 5.99 -40.62 6.20
N TYR A 79 5.44 -39.69 5.41
CA TYR A 79 4.11 -39.14 5.71
C TYR A 79 3.04 -39.91 4.95
N LYS A 80 3.17 -40.01 3.64
CA LYS A 80 2.13 -40.64 2.82
C LYS A 80 2.11 -42.14 3.04
N ASN A 81 0.91 -42.69 3.22
CA ASN A 81 0.63 -44.11 3.46
C ASN A 81 1.09 -44.56 4.85
N ASN A 82 1.88 -43.76 5.55
CA ASN A 82 2.14 -43.98 6.97
C ASN A 82 1.08 -43.26 7.79
N THR A 83 1.10 -41.92 7.75
CA THR A 83 0.21 -41.10 8.56
C THR A 83 -1.11 -40.77 7.86
N VAL A 84 -1.21 -40.93 6.54
CA VAL A 84 -2.43 -40.59 5.80
C VAL A 84 -3.55 -41.60 6.04
N PRO A 85 -3.32 -42.92 5.91
CA PRO A 85 -4.43 -43.86 6.15
C PRO A 85 -4.87 -43.89 7.60
N LEU A 86 -3.97 -43.57 8.54
CA LEU A 86 -4.37 -43.37 9.92
C LEU A 86 -5.45 -42.30 10.03
N PHE A 87 -5.22 -41.14 9.39
CA PHE A 87 -6.13 -39.99 9.55
C PHE A 87 -7.48 -40.23 8.88
N LYS A 88 -7.49 -40.85 7.69
CA LYS A 88 -8.77 -41.15 7.04
C LYS A 88 -9.57 -42.18 7.83
N GLN A 89 -8.92 -42.92 8.74
CA GLN A 89 -9.57 -43.84 9.67
C GLN A 89 -10.02 -43.15 10.96
N ILE A 90 -9.28 -42.16 11.46
CA ILE A 90 -9.73 -41.33 12.59
C ILE A 90 -10.78 -40.30 12.20
N SER A 91 -11.11 -40.18 10.91
CA SER A 91 -11.93 -39.08 10.44
C SER A 91 -12.97 -39.57 9.43
N THR A 92 -13.92 -38.69 9.14
CA THR A 92 -15.02 -38.98 8.25
C THR A 92 -15.00 -38.10 7.00
N SER A 93 -13.99 -37.23 6.87
CA SER A 93 -13.67 -36.43 5.68
C SER A 93 -12.36 -35.68 5.95
N VAL A 94 -11.53 -35.57 4.92
CA VAL A 94 -10.22 -34.93 5.01
C VAL A 94 -10.06 -33.96 3.85
N HIS A 95 -9.60 -32.74 4.16
CA HIS A 95 -9.36 -31.69 3.16
C HIS A 95 -8.03 -31.04 3.46
N LEU A 96 -7.05 -31.24 2.58
CA LEU A 96 -5.77 -30.53 2.66
C LEU A 96 -5.81 -29.38 1.64
N LEU A 97 -6.33 -28.21 2.05
CA LEU A 97 -6.56 -27.08 1.14
C LEU A 97 -5.30 -26.21 1.02
N LYS A 98 -4.75 -26.10 -0.19
CA LYS A 98 -3.56 -25.28 -0.42
C LYS A 98 -3.98 -23.88 -0.92
N THR A 99 -3.75 -22.86 -0.09
CA THR A 99 -4.24 -21.52 -0.39
C THR A 99 -3.13 -20.46 -0.29
N GLU A 100 -3.49 -19.22 -0.61
CA GLU A 100 -2.60 -18.07 -0.49
C GLU A 100 -3.39 -16.95 0.14
N VAL A 101 -2.88 -16.37 1.24
CA VAL A 101 -3.61 -15.26 1.85
C VAL A 101 -3.46 -14.06 0.95
N VAL A 102 -4.60 -13.59 0.41
CA VAL A 102 -4.60 -12.49 -0.54
C VAL A 102 -5.12 -11.19 0.06
N PHE A 103 -5.89 -11.24 1.15
CA PHE A 103 -6.37 -10.03 1.83
C PHE A 103 -6.62 -10.33 3.30
N SER A 104 -6.51 -9.29 4.14
CA SER A 104 -6.90 -9.39 5.54
C SER A 104 -7.08 -8.00 6.12
N GLN A 105 -8.03 -7.89 7.05
CA GLN A 105 -8.20 -6.68 7.86
C GLN A 105 -8.53 -7.09 9.29
N HIS A 106 -8.53 -6.12 10.19
CA HIS A 106 -8.86 -6.40 11.58
C HIS A 106 -9.43 -5.15 12.23
N HIS A 107 -10.13 -5.38 13.34
CA HIS A 107 -10.56 -4.28 14.20
C HIS A 107 -9.35 -3.46 14.65
N PRO A 108 -9.48 -2.13 14.72
CA PRO A 108 -8.32 -1.29 15.09
C PRO A 108 -7.75 -1.59 16.47
N ASP A 109 -8.57 -2.01 17.45
CA ASP A 109 -8.03 -2.42 18.73
C ASP A 109 -7.10 -3.66 18.66
N LEU A 110 -6.76 -4.18 17.48
CA LEU A 110 -5.79 -5.24 17.28
C LEU A 110 -4.63 -4.70 16.46
N PRO A 111 -3.40 -5.06 16.80
CA PRO A 111 -2.25 -4.48 16.09
C PRO A 111 -1.97 -5.23 14.80
N ARG A 112 -2.40 -6.49 14.77
CA ARG A 112 -2.29 -7.39 13.64
C ARG A 112 -3.23 -8.56 13.91
N ILE A 113 -3.17 -9.59 13.06
CA ILE A 113 -3.91 -10.82 13.26
C ILE A 113 -2.93 -11.83 13.82
N GLU A 114 -3.11 -12.21 15.07
CA GLU A 114 -2.28 -13.23 15.70
C GLU A 114 -3.18 -14.43 16.02
N ILE A 115 -2.74 -15.63 15.69
CA ILE A 115 -3.51 -16.84 16.02
C ILE A 115 -2.71 -17.62 17.05
N SER A 116 -3.33 -17.89 18.20
CA SER A 116 -2.57 -18.26 19.39
C SER A 116 -3.47 -18.87 20.46
N PRO A 117 -3.11 -20.01 21.04
CA PRO A 117 -3.94 -20.59 22.11
C PRO A 117 -3.99 -19.70 23.33
N GLU A 118 -3.02 -18.81 23.46
CA GLU A 118 -3.01 -17.80 24.51
C GLU A 118 -4.18 -16.82 24.36
N ARG A 119 -4.88 -16.83 23.24
CA ARG A 119 -6.06 -15.99 23.01
C ARG A 119 -7.34 -16.79 23.15
N ASP A 120 -8.45 -16.07 23.25
CA ASP A 120 -9.75 -16.66 23.48
C ASP A 120 -10.72 -16.35 22.35
N ASP A 121 -10.33 -16.63 21.11
CA ASP A 121 -11.15 -16.24 19.96
C ASP A 121 -12.11 -17.35 19.57
N TYR A 122 -13.26 -16.93 19.06
CA TYR A 122 -14.18 -17.82 18.37
C TYR A 122 -13.74 -17.83 16.90
N THR A 123 -12.99 -18.85 16.52
CA THR A 123 -12.35 -18.92 15.21
C THR A 123 -13.27 -19.61 14.20
N VAL A 124 -13.82 -18.85 13.26
CA VAL A 124 -14.71 -19.35 12.21
C VAL A 124 -13.88 -19.63 10.96
N ILE A 125 -14.18 -20.73 10.26
CA ILE A 125 -13.59 -20.99 8.96
C ILE A 125 -14.69 -21.43 7.99
N ILE A 126 -14.75 -20.75 6.85
CA ILE A 126 -15.74 -21.08 5.82
C ILE A 126 -15.00 -21.38 4.52
N VAL A 127 -15.36 -22.49 3.89
CA VAL A 127 -14.77 -22.89 2.61
C VAL A 127 -15.81 -22.66 1.52
N MET A 128 -15.41 -21.99 0.46
CA MET A 128 -16.32 -21.62 -0.63
C MET A 128 -15.83 -22.26 -1.91
N ASP A 129 -16.74 -22.98 -2.58
CA ASP A 129 -16.45 -23.54 -3.89
C ASP A 129 -16.87 -22.54 -4.96
N VAL A 130 -16.10 -22.52 -6.04
CA VAL A 130 -16.28 -21.52 -7.06
C VAL A 130 -15.67 -22.08 -8.33
N ALA A 131 -16.39 -21.91 -9.44
CA ALA A 131 -15.85 -22.32 -10.73
C ALA A 131 -14.53 -21.59 -10.99
N ALA A 132 -13.55 -22.34 -11.51
CA ALA A 132 -12.23 -21.77 -11.78
C ALA A 132 -12.34 -20.49 -12.58
N GLN A 133 -13.34 -20.40 -13.47
CA GLN A 133 -13.59 -19.18 -14.22
C GLN A 133 -14.07 -18.03 -13.33
N ASP A 134 -14.57 -18.31 -12.14
CA ASP A 134 -15.14 -17.27 -11.30
C ASP A 134 -14.30 -16.92 -10.08
N GLN A 135 -13.14 -17.56 -9.90
CA GLN A 135 -12.38 -17.31 -8.69
C GLN A 135 -11.94 -15.85 -8.60
N ALA A 136 -11.32 -15.34 -9.67
CA ALA A 136 -10.70 -14.01 -9.62
C ALA A 136 -11.71 -12.95 -9.23
N ALA A 137 -12.92 -13.02 -9.79
CA ALA A 137 -13.95 -12.06 -9.44
C ALA A 137 -14.30 -12.18 -7.97
N LEU A 138 -14.55 -13.41 -7.51
CA LEU A 138 -14.93 -13.65 -6.11
C LEU A 138 -13.86 -13.17 -5.15
N VAL A 139 -12.60 -13.53 -5.42
CA VAL A 139 -11.48 -13.04 -4.63
C VAL A 139 -11.46 -11.51 -4.62
N GLN A 140 -11.47 -10.89 -5.81
CA GLN A 140 -11.30 -9.44 -5.85
C GLN A 140 -12.50 -8.71 -5.24
N VAL A 141 -13.70 -9.27 -5.34
CA VAL A 141 -14.83 -8.58 -4.72
C VAL A 141 -14.84 -8.79 -3.21
N LEU A 142 -14.38 -9.95 -2.74
CA LEU A 142 -14.35 -10.23 -1.29
C LEU A 142 -13.15 -9.59 -0.60
N GLY A 143 -11.99 -9.58 -1.26
CA GLY A 143 -10.78 -9.11 -0.62
C GLY A 143 -10.58 -7.62 -0.75
N ARG A 144 -11.54 -6.84 -0.25
CA ARG A 144 -11.49 -5.38 -0.23
C ARG A 144 -11.80 -4.91 1.17
N PRO A 145 -11.24 -3.78 1.60
CA PRO A 145 -11.50 -3.29 2.96
C PRO A 145 -12.99 -3.11 3.21
N ASP A 146 -13.41 -3.54 4.39
CA ASP A 146 -14.79 -3.37 4.84
C ASP A 146 -14.73 -2.67 6.20
N GLU A 147 -15.00 -1.37 6.19
CA GLU A 147 -14.95 -0.63 7.44
C GLU A 147 -16.21 -0.82 8.26
N TRP A 148 -17.32 -1.21 7.64
CA TRP A 148 -18.53 -1.34 8.42
C TRP A 148 -18.51 -2.58 9.30
N ILE A 149 -17.93 -3.69 8.81
CA ILE A 149 -17.81 -4.89 9.64
C ILE A 149 -17.00 -4.59 10.89
N LYS A 150 -15.98 -3.73 10.77
CA LYS A 150 -15.14 -3.32 11.89
C LYS A 150 -15.94 -2.70 13.02
N THR A 151 -17.21 -2.41 12.79
CA THR A 151 -18.08 -1.77 13.75
C THR A 151 -19.24 -2.67 14.18
N VAL A 152 -19.22 -3.93 13.77
CA VAL A 152 -20.16 -4.94 14.30
C VAL A 152 -19.52 -5.54 15.56
N PRO A 153 -20.18 -5.45 16.72
CA PRO A 153 -19.56 -5.94 17.97
C PRO A 153 -19.18 -7.42 17.91
N GLY A 154 -18.05 -7.73 18.58
CA GLY A 154 -17.49 -9.05 18.57
C GLY A 154 -16.50 -9.30 17.46
N TYR A 155 -16.50 -8.47 16.43
CA TYR A 155 -15.60 -8.62 15.29
C TYR A 155 -14.17 -8.30 15.69
N LEU A 156 -13.23 -9.16 15.30
CA LEU A 156 -11.82 -8.95 15.56
C LEU A 156 -10.99 -8.89 14.28
N SER A 157 -11.21 -9.81 13.33
CA SER A 157 -10.46 -9.82 12.08
C SER A 157 -11.09 -10.83 11.13
N HIS A 158 -10.69 -10.76 9.86
CA HIS A 158 -10.87 -11.87 8.92
C HIS A 158 -9.77 -11.80 7.87
N ALA A 159 -9.51 -12.94 7.25
CA ALA A 159 -8.49 -13.07 6.23
C ALA A 159 -9.05 -13.90 5.10
N LEU A 160 -8.80 -13.49 3.85
CA LEU A 160 -9.29 -14.15 2.65
C LEU A 160 -8.16 -14.94 1.99
N CYS A 161 -8.41 -16.22 1.72
CA CYS A 161 -7.39 -17.10 1.18
C CYS A 161 -7.85 -17.66 -0.15
N ARG A 162 -6.91 -17.74 -1.10
CA ARG A 162 -7.20 -18.17 -2.47
C ARG A 162 -6.68 -19.59 -2.65
N GLY A 163 -7.57 -20.51 -3.01
CA GLY A 163 -7.12 -21.83 -3.38
C GLY A 163 -6.23 -21.84 -4.59
N ILE A 164 -5.01 -22.34 -4.43
CA ILE A 164 -4.01 -22.29 -5.49
C ILE A 164 -4.49 -22.96 -6.78
N ASP A 165 -5.35 -23.97 -6.69
CA ASP A 165 -5.79 -24.68 -7.89
C ASP A 165 -7.06 -24.05 -8.51
N GLY A 166 -7.36 -22.81 -8.15
CA GLY A 166 -8.41 -22.06 -8.80
C GLY A 166 -9.81 -22.36 -8.33
N THR A 167 -9.98 -23.34 -7.43
CA THR A 167 -11.27 -24.01 -7.26
C THR A 167 -12.08 -23.49 -6.08
N PHE A 168 -11.49 -22.75 -5.16
CA PHE A 168 -12.16 -22.53 -3.89
C PHE A 168 -11.48 -21.38 -3.16
N VAL A 169 -12.19 -20.88 -2.15
CA VAL A 169 -11.78 -19.71 -1.37
C VAL A 169 -12.15 -19.95 0.09
N VAL A 170 -11.18 -19.77 1.00
CA VAL A 170 -11.40 -19.91 2.44
C VAL A 170 -11.43 -18.54 3.10
N LEU A 171 -12.42 -18.31 3.96
CA LEU A 171 -12.40 -17.20 4.91
C LEU A 171 -11.98 -17.71 6.29
N TYR A 172 -11.17 -16.92 7.00
CA TYR A 172 -10.67 -17.25 8.34
C TYR A 172 -10.96 -16.07 9.26
N ALA A 173 -12.04 -16.16 10.05
CA ALA A 173 -12.46 -15.02 10.87
C ALA A 173 -12.27 -15.34 12.34
N GLN A 174 -12.04 -14.28 13.14
CA GLN A 174 -11.90 -14.37 14.59
C GLN A 174 -12.98 -13.51 15.22
N TRP A 175 -13.74 -14.07 16.14
CA TRP A 175 -14.81 -13.32 16.79
C TRP A 175 -14.66 -13.37 18.30
N GLU A 176 -15.36 -12.46 18.97
CA GLU A 176 -15.19 -12.33 20.41
C GLU A 176 -15.86 -13.48 21.15
N SER A 177 -16.96 -14.00 20.61
CA SER A 177 -17.70 -15.08 21.23
C SER A 177 -18.65 -15.66 20.21
N LYS A 178 -19.14 -16.87 20.51
CA LYS A 178 -20.16 -17.49 19.67
C LYS A 178 -21.36 -16.58 19.50
N GLU A 179 -21.80 -15.96 20.60
CA GLU A 179 -23.01 -15.16 20.58
C GLU A 179 -22.83 -13.91 19.73
N ARG A 180 -21.64 -13.30 19.77
CA ARG A 180 -21.39 -12.15 18.91
C ARG A 180 -21.41 -12.53 17.45
N TYR A 181 -20.86 -13.71 17.10
CA TYR A 181 -20.87 -14.14 15.70
C TYR A 181 -22.24 -14.61 15.25
N ASP A 182 -22.91 -15.43 16.06
CA ASP A 182 -24.28 -15.83 15.75
C ASP A 182 -25.18 -14.62 15.57
N ALA A 183 -24.96 -13.57 16.37
CA ALA A 183 -25.76 -12.36 16.23
C ALA A 183 -25.50 -11.68 14.89
N PHE A 184 -24.23 -11.60 14.48
CA PHE A 184 -23.93 -10.97 13.20
C PHE A 184 -24.43 -11.81 12.03
N HIS A 185 -24.23 -13.13 12.11
CA HIS A 185 -24.55 -13.98 10.97
C HIS A 185 -26.06 -14.03 10.70
N THR A 186 -26.88 -13.85 11.72
CA THR A 186 -28.32 -14.00 11.58
C THR A 186 -29.08 -12.68 11.62
N MET A 187 -28.40 -11.55 11.78
CA MET A 187 -29.08 -10.27 11.90
C MET A 187 -29.83 -9.96 10.60
N PRO A 188 -30.75 -9.00 10.63
CA PRO A 188 -31.62 -8.78 9.46
C PRO A 188 -30.86 -8.17 8.29
N GLU A 189 -31.31 -8.52 7.08
CA GLU A 189 -30.85 -7.82 5.89
C GLU A 189 -31.10 -6.32 6.02
N SER A 190 -32.22 -5.96 6.65
CA SER A 190 -32.49 -4.59 7.05
C SER A 190 -31.27 -3.92 7.69
N ALA A 191 -30.76 -4.51 8.77
CA ALA A 191 -29.70 -3.89 9.54
C ALA A 191 -28.38 -3.83 8.77
N ARG A 192 -28.36 -4.38 7.55
CA ARG A 192 -27.15 -4.45 6.75
C ARG A 192 -27.08 -3.28 5.79
N PRO A 193 -26.01 -2.48 5.83
CA PRO A 193 -25.94 -1.26 5.00
C PRO A 193 -26.04 -1.55 3.51
N GLN A 194 -26.15 -0.45 2.75
CA GLN A 194 -26.43 -0.54 1.32
C GLN A 194 -25.36 -1.32 0.57
N ALA A 195 -24.09 -0.98 0.81
CA ALA A 195 -23.01 -1.61 0.06
C ALA A 195 -22.81 -3.06 0.46
N VAL A 196 -23.02 -3.40 1.74
CA VAL A 196 -22.81 -4.76 2.19
C VAL A 196 -23.92 -5.68 1.68
N ARG A 197 -25.12 -5.13 1.44
CA ARG A 197 -26.17 -5.93 0.81
C ARG A 197 -25.85 -6.17 -0.66
N GLU A 198 -25.35 -5.14 -1.36
CA GLU A 198 -25.06 -5.28 -2.78
C GLU A 198 -23.98 -6.33 -3.02
N GLN A 199 -22.92 -6.29 -2.20
CA GLN A 199 -21.83 -7.26 -2.29
C GLN A 199 -22.37 -8.68 -2.10
N ARG A 200 -22.88 -8.96 -0.89
CA ARG A 200 -23.39 -10.30 -0.57
C ARG A 200 -24.45 -10.78 -1.57
N ALA A 201 -25.12 -9.87 -2.30
CA ALA A 201 -26.13 -10.27 -3.26
C ALA A 201 -25.55 -10.67 -4.61
N PHE A 202 -24.38 -10.15 -4.96
CA PHE A 202 -23.71 -10.58 -6.18
C PHE A 202 -22.73 -11.73 -5.93
N THR A 203 -22.20 -11.86 -4.70
CA THR A 203 -21.29 -12.96 -4.39
C THR A 203 -22.02 -14.31 -4.46
N ASP A 204 -23.26 -14.35 -3.98
CA ASP A 204 -24.07 -15.58 -4.04
C ASP A 204 -24.17 -16.12 -5.45
N THR A 205 -24.12 -15.26 -6.46
CA THR A 205 -24.22 -15.79 -7.81
C THR A 205 -22.94 -16.52 -8.24
N LEU A 206 -21.89 -16.56 -7.42
CA LEU A 206 -20.65 -17.19 -7.83
C LEU A 206 -20.20 -18.34 -6.92
N ILE A 207 -20.82 -18.51 -5.77
CA ILE A 207 -20.40 -19.53 -4.83
C ILE A 207 -21.23 -20.79 -5.10
N THR A 208 -20.57 -21.83 -5.61
CA THR A 208 -21.23 -23.13 -5.78
C THR A 208 -21.75 -23.65 -4.45
N ALA A 209 -20.86 -23.69 -3.46
CA ALA A 209 -21.13 -24.34 -2.18
C ALA A 209 -20.39 -23.58 -1.10
N ARG A 210 -20.82 -23.83 0.13
CA ARG A 210 -20.36 -23.09 1.30
C ARG A 210 -20.32 -24.04 2.48
N ARG A 211 -19.26 -23.95 3.28
CA ARG A 211 -18.94 -24.93 4.32
C ARG A 211 -18.40 -24.20 5.55
N SER A 212 -19.22 -24.09 6.60
CA SER A 212 -18.89 -23.30 7.79
C SER A 212 -18.53 -24.21 8.96
N ASN A 213 -17.41 -23.92 9.63
CA ASN A 213 -16.98 -24.62 10.83
C ASN A 213 -16.39 -23.62 11.84
N THR A 214 -16.62 -23.87 13.12
CA THR A 214 -16.12 -22.97 14.15
C THR A 214 -15.22 -23.76 15.09
N TYR A 215 -14.11 -23.15 15.48
CA TYR A 215 -13.09 -23.85 16.24
C TYR A 215 -12.62 -23.04 17.43
N ARG A 216 -11.62 -23.57 18.11
CA ARG A 216 -10.88 -22.89 19.17
C ARG A 216 -9.43 -23.29 19.06
N VAL A 217 -8.53 -22.30 18.96
CA VAL A 217 -7.10 -22.60 18.87
C VAL A 217 -6.62 -23.27 20.16
N VAL A 218 -5.92 -24.39 20.02
CA VAL A 218 -5.45 -25.14 21.19
C VAL A 218 -3.96 -25.41 21.16
N HIS A 219 -3.29 -25.36 20.00
CA HIS A 219 -1.85 -25.63 19.97
C HIS A 219 -1.25 -24.75 18.90
N THR A 220 0.06 -24.52 19.01
CA THR A 220 0.76 -23.65 18.06
C THR A 220 2.26 -23.78 18.29
N ARG A 221 3.01 -23.66 17.21
CA ARG A 221 4.46 -23.79 17.30
C ARG A 221 5.08 -23.33 15.98
N SER A 222 6.00 -22.36 16.07
CA SER A 222 6.70 -21.86 14.90
C SER A 222 8.11 -22.41 14.87
N ALA A 223 8.71 -22.42 13.68
CA ALA A 223 10.01 -23.04 13.47
C ALA A 223 11.04 -22.45 14.44
N GLY A 224 11.73 -23.33 15.16
CA GLY A 224 12.75 -22.93 16.11
C GLY A 224 12.26 -22.22 17.34
N SER A 225 10.97 -22.26 17.63
CA SER A 225 10.43 -21.66 18.83
C SER A 225 9.75 -22.71 19.70
N PRO A 226 9.61 -22.48 21.00
CA PRO A 226 8.84 -23.40 21.85
C PRO A 226 7.37 -23.33 21.53
N ALA A 227 6.65 -24.43 21.83
CA ALA A 227 5.22 -24.44 21.58
C ALA A 227 4.47 -23.63 22.65
N VAL A 228 3.20 -23.34 22.33
CA VAL A 228 2.21 -22.78 23.25
C VAL A 228 0.98 -23.67 23.16
N SER A 229 0.34 -23.91 24.29
CA SER A 229 -0.73 -24.91 24.32
C SER A 229 -1.73 -24.60 25.43
N ILE A 230 -2.94 -25.10 25.24
CA ILE A 230 -3.95 -25.23 26.29
C ILE A 230 -4.46 -26.67 26.25
N MET A 231 -3.72 -27.55 25.59
CA MET A 231 -4.25 -28.87 25.21
C MET A 231 -4.13 -29.91 26.31
N ASN A 232 -2.99 -29.97 27.01
CA ASN A 232 -2.65 -30.99 28.02
C ASN A 232 -2.57 -32.41 27.46
N GLN A 233 -2.02 -33.34 28.25
CA GLN A 233 -1.30 -34.50 27.74
C GLN A 233 -2.15 -35.41 26.86
N GLU A 234 -3.48 -35.34 26.93
CA GLU A 234 -4.33 -36.34 26.27
C GLU A 234 -5.19 -35.79 25.13
N GLY A 235 -5.04 -34.53 24.76
CA GLY A 235 -5.90 -33.92 23.76
C GLY A 235 -7.16 -33.29 24.32
N THR A 236 -7.14 -32.94 25.61
CA THR A 236 -8.35 -32.55 26.35
C THR A 236 -8.71 -31.09 26.13
N TRP A 237 -7.73 -30.20 26.32
CA TRP A 237 -7.89 -28.78 26.03
C TRP A 237 -8.76 -28.08 27.07
N GLN A 238 -8.14 -27.17 27.84
CA GLN A 238 -8.75 -26.38 28.92
C GLN A 238 -9.80 -27.11 29.76
N PRO B 2 -1.84 17.75 -15.84
CA PRO B 2 -1.03 16.60 -15.40
C PRO B 2 -1.50 15.98 -14.07
N VAL B 3 -0.97 14.81 -13.71
CA VAL B 3 -1.40 14.10 -12.51
C VAL B 3 -0.26 14.09 -11.50
N ILE B 4 -0.61 14.19 -10.22
CA ILE B 4 0.35 14.13 -9.13
C ILE B 4 0.08 12.88 -8.29
N ALA B 5 1.09 12.01 -8.16
CA ALA B 5 1.04 10.87 -7.24
C ALA B 5 2.46 10.41 -6.89
N ALA B 6 2.68 10.09 -5.61
CA ALA B 6 4.02 9.66 -5.16
C ALA B 6 4.58 8.52 -5.99
N ASN B 7 3.72 7.89 -6.80
CA ASN B 7 3.99 6.65 -7.52
C ASN B 7 4.78 6.87 -8.81
N ASP B 8 4.65 8.01 -9.47
CA ASP B 8 5.36 8.15 -10.72
C ASP B 8 6.85 8.25 -10.46
N GLY B 9 7.63 8.28 -11.54
CA GLY B 9 9.07 8.32 -11.37
C GLY B 9 9.61 9.65 -11.81
N CYS B 10 9.06 10.74 -11.26
CA CYS B 10 9.41 12.07 -11.74
C CYS B 10 9.98 12.93 -10.61
N LEU B 11 10.98 13.74 -10.98
CA LEU B 11 11.44 14.83 -10.15
C LEU B 11 10.48 16.01 -10.31
N THR B 12 10.00 16.54 -9.19
CA THR B 12 9.01 17.60 -9.19
C THR B 12 9.68 18.93 -8.84
N VAL B 13 9.80 19.79 -9.83
CA VAL B 13 10.48 21.08 -9.69
C VAL B 13 9.45 22.19 -9.53
N PHE B 14 9.71 23.10 -8.60
CA PHE B 14 8.90 24.30 -8.36
C PHE B 14 9.76 25.51 -8.70
N ASN B 15 9.49 26.18 -9.82
CA ASN B 15 10.17 27.44 -10.16
C ASN B 15 9.23 28.58 -9.78
N MET B 16 9.48 29.19 -8.63
CA MET B 16 8.58 30.21 -8.08
C MET B 16 9.26 31.58 -8.13
N PHE B 17 8.62 32.52 -8.84
CA PHE B 17 9.07 33.91 -8.89
C PHE B 17 8.09 34.82 -8.16
N THR B 18 8.62 35.95 -7.68
CA THR B 18 7.83 37.12 -7.25
C THR B 18 8.16 38.34 -8.11
N THR B 19 7.31 39.35 -7.99
CA THR B 19 7.46 40.61 -8.71
C THR B 19 6.84 41.72 -7.87
N ASP B 20 7.26 42.95 -8.17
CA ASP B 20 6.68 44.14 -7.57
C ASP B 20 5.56 44.76 -8.41
N THR B 21 5.52 44.50 -9.71
CA THR B 21 4.47 45.04 -10.57
C THR B 21 3.73 43.91 -11.27
N ILE B 22 2.42 44.11 -11.50
CA ILE B 22 1.67 43.22 -12.38
C ILE B 22 2.31 43.15 -13.77
N ASP B 23 3.01 44.22 -14.18
CA ASP B 23 3.79 44.16 -15.42
C ASP B 23 4.75 42.99 -15.42
N GLY B 24 5.56 42.87 -14.37
CA GLY B 24 6.54 41.81 -14.29
C GLY B 24 5.91 40.43 -14.27
N GLN B 25 4.77 40.29 -13.59
CA GLN B 25 4.07 39.01 -13.64
C GLN B 25 3.77 38.60 -15.07
N ARG B 26 3.25 39.53 -15.88
CA ARG B 26 2.83 39.17 -17.23
C ARG B 26 4.02 38.89 -18.13
N GLU B 27 5.06 39.72 -18.04
CA GLU B 27 6.34 39.40 -18.68
C GLU B 27 6.72 37.94 -18.39
N LEU B 28 6.68 37.56 -17.11
CA LEU B 28 7.03 36.21 -16.71
C LEU B 28 6.07 35.18 -17.31
N LEU B 29 4.77 35.38 -17.10
CA LEU B 29 3.78 34.48 -17.66
C LEU B 29 3.98 34.30 -19.16
N LYS B 30 4.18 35.40 -19.87
CA LYS B 30 4.39 35.30 -21.32
C LYS B 30 5.67 34.56 -21.63
N GLU B 31 6.75 34.90 -20.92
CA GLU B 31 8.01 34.20 -21.13
C GLU B 31 7.90 32.74 -20.73
N MET B 32 7.12 32.46 -19.67
CA MET B 32 6.97 31.09 -19.24
C MET B 32 6.07 30.30 -20.18
N ARG B 33 4.93 30.88 -20.60
CA ARG B 33 4.12 30.25 -21.65
C ARG B 33 4.95 29.98 -22.91
N ASP B 34 5.75 30.96 -23.34
CA ASP B 34 6.62 30.78 -24.50
C ASP B 34 7.47 29.53 -24.36
N ILE B 35 8.19 29.41 -23.23
CA ILE B 35 9.03 28.24 -22.99
C ILE B 35 8.18 26.98 -22.92
N ILE B 36 7.01 27.08 -22.30
CA ILE B 36 6.19 25.88 -22.16
C ILE B 36 5.84 25.32 -23.53
N ASP B 37 5.48 26.20 -24.47
CA ASP B 37 4.91 25.78 -25.75
C ASP B 37 5.94 25.47 -26.81
N ASN B 38 7.08 26.14 -26.80
CA ASN B 38 8.14 25.92 -27.78
C ASN B 38 9.36 25.24 -27.15
N GLY B 39 9.12 24.28 -26.26
CA GLY B 39 10.19 23.62 -25.54
C GLY B 39 10.37 22.16 -25.87
N ASN B 40 11.48 21.83 -26.54
CA ASN B 40 11.93 20.45 -26.70
C ASN B 40 13.05 20.22 -25.70
N PHE B 41 12.79 19.37 -24.72
CA PHE B 41 13.77 19.10 -23.67
C PHE B 41 13.72 17.62 -23.33
N THR B 42 14.86 16.94 -23.48
CA THR B 42 14.95 15.53 -23.13
C THR B 42 14.63 15.34 -21.65
N GLY B 43 13.67 14.44 -21.37
CA GLY B 43 13.29 14.13 -20.01
C GLY B 43 12.21 15.02 -19.41
N TRP B 44 11.75 16.03 -20.15
CA TRP B 44 10.63 16.85 -19.70
C TRP B 44 9.32 16.10 -19.91
N ARG B 45 8.43 16.16 -18.91
CA ARG B 45 7.13 15.51 -19.00
C ARG B 45 5.98 16.51 -19.02
N SER B 46 6.00 17.53 -18.17
CA SER B 46 4.88 18.45 -18.11
C SER B 46 5.30 19.73 -17.41
N SER B 47 4.78 20.87 -17.89
CA SER B 47 4.85 22.16 -17.21
C SER B 47 3.45 22.64 -16.92
N THR B 48 3.26 23.29 -15.77
CA THR B 48 1.94 23.81 -15.40
C THR B 48 2.12 25.21 -14.84
N LEU B 49 1.76 26.21 -15.64
CA LEU B 49 1.96 27.61 -15.28
C LEU B 49 0.92 28.03 -14.23
N HIS B 50 1.40 28.54 -13.09
CA HIS B 50 0.53 28.97 -12.00
C HIS B 50 0.61 30.48 -11.86
N ALA B 51 -0.55 31.10 -11.69
CA ALA B 51 -0.69 32.55 -11.78
C ALA B 51 -0.34 33.29 -10.50
N GLY B 52 -1.31 33.53 -9.65
CA GLY B 52 -0.92 34.27 -8.49
C GLY B 52 -1.98 35.27 -8.10
N GLN B 53 -2.74 34.92 -7.06
CA GLN B 53 -3.80 35.78 -6.52
C GLN B 53 -3.44 37.27 -6.56
N ASP B 54 -2.36 37.65 -5.87
CA ASP B 54 -1.94 39.05 -5.82
C ASP B 54 -1.40 39.57 -7.16
N GLU B 55 -1.33 38.75 -8.21
CA GLU B 55 -0.85 39.14 -9.52
C GLU B 55 0.58 39.68 -9.51
N HIS B 56 1.33 39.43 -8.44
CA HIS B 56 2.73 39.84 -8.32
C HIS B 56 3.65 38.63 -8.17
N GLY B 57 3.39 37.55 -8.90
CA GLY B 57 4.19 36.36 -8.73
C GLY B 57 3.74 35.25 -9.66
N THR B 58 4.58 34.22 -9.74
CA THR B 58 4.34 33.11 -10.65
C THR B 58 4.99 31.85 -10.09
N ALA B 59 4.53 30.70 -10.59
CA ALA B 59 5.03 29.38 -10.17
C ALA B 59 4.85 28.40 -11.32
N ASN B 60 5.95 27.83 -11.80
CA ASN B 60 5.90 26.78 -12.80
C ASN B 60 6.13 25.42 -12.14
N TYR B 61 5.20 24.48 -12.36
CA TYR B 61 5.26 23.12 -11.79
C TYR B 61 5.68 22.18 -12.91
N ILE B 62 6.90 21.69 -12.86
CA ILE B 62 7.48 20.92 -13.97
C ILE B 62 7.76 19.49 -13.50
N GLN B 63 7.38 18.52 -14.34
CA GLN B 63 7.67 17.10 -14.06
C GLN B 63 8.83 16.67 -14.93
N TRP B 64 9.89 16.19 -14.30
CA TRP B 64 11.10 15.81 -15.02
C TRP B 64 11.29 14.31 -14.93
N ARG B 65 12.04 13.76 -15.89
CA ARG B 65 12.31 12.33 -15.82
C ARG B 65 13.45 12.05 -14.84
N SER B 66 14.38 12.98 -14.69
CA SER B 66 15.51 12.83 -13.79
C SER B 66 16.09 14.22 -13.50
N LEU B 67 16.93 14.26 -12.47
CA LEU B 67 17.71 15.47 -12.24
C LEU B 67 18.75 15.66 -13.34
N ALA B 68 19.30 14.58 -13.88
CA ALA B 68 20.31 14.69 -14.93
C ALA B 68 19.74 15.32 -16.19
N ASP B 69 18.42 15.16 -16.42
CA ASP B 69 17.79 15.84 -17.53
C ASP B 69 17.57 17.32 -17.23
N LEU B 70 17.16 17.63 -16.00
CA LEU B 70 16.93 19.02 -15.63
C LEU B 70 18.20 19.85 -15.75
N GLU B 71 19.32 19.35 -15.22
CA GLU B 71 20.55 20.14 -15.19
C GLU B 71 21.32 20.09 -16.50
N ALA B 72 21.03 19.12 -17.38
CA ALA B 72 21.56 19.19 -18.73
C ALA B 72 20.92 20.35 -19.48
N ARG B 73 19.61 20.55 -19.27
CA ARG B 73 18.98 21.79 -19.68
C ARG B 73 19.66 23.00 -19.02
N TYR B 74 20.02 22.88 -17.73
CA TYR B 74 20.63 24.00 -17.00
C TYR B 74 22.04 24.30 -17.47
N ALA B 75 22.72 23.33 -18.08
CA ALA B 75 24.04 23.55 -18.67
C ALA B 75 23.96 23.97 -20.13
N GLY B 76 22.75 24.21 -20.66
CA GLY B 76 22.60 24.63 -22.03
C GLY B 76 23.19 26.01 -22.25
N GLU B 77 23.18 26.47 -23.51
CA GLU B 77 23.69 27.80 -23.81
C GLU B 77 22.61 28.75 -24.31
N GLY B 78 21.52 28.25 -24.89
CA GLY B 78 20.32 29.06 -25.01
C GLY B 78 19.74 29.42 -23.65
N TYR B 79 19.55 28.41 -22.80
CA TYR B 79 19.04 28.63 -21.43
C TYR B 79 19.99 29.50 -20.63
N LYS B 80 21.26 29.10 -20.53
CA LYS B 80 22.21 29.85 -19.73
C LYS B 80 22.64 31.10 -20.50
N ASN B 81 23.12 32.09 -19.74
CA ASN B 81 23.53 33.42 -20.20
C ASN B 81 22.55 34.12 -21.13
N ASN B 82 21.32 33.64 -21.23
CA ASN B 82 20.32 34.35 -22.03
C ASN B 82 19.00 34.51 -21.29
N THR B 83 18.32 33.40 -20.97
CA THR B 83 17.07 33.50 -20.25
C THR B 83 17.23 33.37 -18.73
N VAL B 84 18.38 32.92 -18.23
CA VAL B 84 18.59 32.90 -16.78
C VAL B 84 18.77 34.32 -16.23
N PRO B 85 19.37 35.31 -16.97
CA PRO B 85 19.37 36.68 -16.43
C PRO B 85 18.05 37.39 -16.66
N LEU B 86 17.39 37.08 -17.78
CA LEU B 86 16.10 37.67 -18.13
C LEU B 86 15.12 37.61 -16.96
N PHE B 87 15.03 36.46 -16.31
CA PHE B 87 14.09 36.29 -15.20
C PHE B 87 14.55 37.02 -13.95
N LYS B 88 15.86 37.15 -13.74
CA LYS B 88 16.33 37.81 -12.52
C LYS B 88 15.97 39.30 -12.52
N GLN B 89 16.04 39.94 -13.71
CA GLN B 89 15.71 41.37 -13.81
C GLN B 89 14.23 41.63 -13.57
N ILE B 90 13.35 40.79 -14.13
CA ILE B 90 11.91 40.98 -13.95
C ILE B 90 11.53 40.70 -12.50
N SER B 91 12.02 39.62 -11.94
CA SER B 91 11.56 39.15 -10.64
C SER B 91 12.32 39.83 -9.50
N THR B 92 11.73 39.72 -8.31
CA THR B 92 12.33 40.17 -7.06
C THR B 92 12.69 39.01 -6.14
N SER B 93 12.56 37.77 -6.63
CA SER B 93 13.00 36.56 -5.94
C SER B 93 12.80 35.37 -6.88
N VAL B 94 13.78 34.46 -6.89
CA VAL B 94 13.76 33.24 -7.68
C VAL B 94 14.02 32.07 -6.73
N HIS B 95 13.27 30.98 -6.91
CA HIS B 95 13.42 29.76 -6.11
C HIS B 95 13.16 28.58 -7.02
N LEU B 96 14.23 27.88 -7.41
CA LEU B 96 14.10 26.67 -8.24
C LEU B 96 14.13 25.47 -7.29
N LEU B 97 12.96 25.10 -6.78
CA LEU B 97 12.84 24.05 -5.77
C LEU B 97 12.75 22.69 -6.45
N LYS B 98 13.76 21.84 -6.25
CA LYS B 98 13.78 20.48 -6.79
C LYS B 98 13.32 19.53 -5.68
N THR B 99 12.25 18.78 -5.94
CA THR B 99 11.61 17.98 -4.89
C THR B 99 11.24 16.59 -5.41
N GLU B 100 10.56 15.84 -4.56
CA GLU B 100 9.97 14.56 -4.92
C GLU B 100 8.68 14.40 -4.14
N VAL B 101 7.59 14.09 -4.84
CA VAL B 101 6.36 13.72 -4.15
C VAL B 101 6.61 12.49 -3.28
N VAL B 102 6.20 12.57 -2.02
CA VAL B 102 6.32 11.45 -1.09
C VAL B 102 4.98 11.07 -0.48
N PHE B 103 3.94 11.88 -0.64
CA PHE B 103 2.60 11.51 -0.19
C PHE B 103 1.59 12.36 -0.94
N SER B 104 0.40 11.78 -1.21
CA SER B 104 -0.71 12.58 -1.72
C SER B 104 -2.03 11.93 -1.34
N GLN B 105 -3.04 12.76 -1.13
CA GLN B 105 -4.40 12.29 -0.90
C GLN B 105 -5.37 13.31 -1.48
N HIS B 106 -6.65 12.95 -1.48
CA HIS B 106 -7.69 13.82 -2.03
C HIS B 106 -9.04 13.36 -1.49
N HIS B 107 -9.93 14.32 -1.33
CA HIS B 107 -11.32 14.07 -1.04
C HIS B 107 -11.88 13.02 -2.01
N PRO B 108 -12.79 12.14 -1.57
CA PRO B 108 -13.21 10.99 -2.42
C PRO B 108 -13.84 11.39 -3.73
N ASP B 109 -14.41 12.60 -3.82
CA ASP B 109 -15.03 13.12 -5.04
C ASP B 109 -14.05 13.31 -6.18
N LEU B 110 -12.74 13.30 -5.90
CA LEU B 110 -11.85 13.32 -7.03
C LEU B 110 -11.34 11.91 -7.31
N PRO B 111 -11.10 11.57 -8.58
CA PRO B 111 -10.56 10.25 -8.87
C PRO B 111 -9.06 10.16 -8.69
N ARG B 112 -8.39 11.32 -8.55
CA ARG B 112 -6.95 11.50 -8.50
C ARG B 112 -6.68 13.01 -8.46
N ILE B 113 -5.42 13.37 -8.27
CA ILE B 113 -5.04 14.76 -8.30
C ILE B 113 -4.64 15.11 -9.72
N GLU B 114 -5.39 16.02 -10.34
CA GLU B 114 -5.06 16.55 -11.64
C GLU B 114 -4.87 18.07 -11.52
N ILE B 115 -3.87 18.62 -12.21
CA ILE B 115 -3.63 20.06 -12.23
C ILE B 115 -3.76 20.53 -13.67
N SER B 116 -4.51 21.62 -13.87
CA SER B 116 -5.00 21.94 -15.20
C SER B 116 -5.78 23.25 -15.18
N PRO B 117 -5.63 24.10 -16.21
CA PRO B 117 -6.43 25.33 -16.29
C PRO B 117 -7.87 25.07 -16.69
N GLU B 118 -8.15 23.89 -17.22
CA GLU B 118 -9.53 23.46 -17.39
C GLU B 118 -10.27 23.45 -16.06
N ARG B 119 -9.58 23.15 -14.98
CA ARG B 119 -10.19 23.13 -13.65
C ARG B 119 -10.16 24.52 -13.04
N ASP B 120 -11.00 24.71 -12.02
CA ASP B 120 -11.17 25.99 -11.36
C ASP B 120 -10.63 25.92 -9.93
N ASP B 121 -9.37 25.50 -9.78
CA ASP B 121 -8.83 25.13 -8.48
C ASP B 121 -8.05 26.28 -7.85
N TYR B 122 -8.38 26.59 -6.61
CA TYR B 122 -7.54 27.45 -5.78
C TYR B 122 -6.32 26.66 -5.32
N THR B 123 -5.16 26.98 -5.89
CA THR B 123 -3.94 26.21 -5.65
C THR B 123 -3.06 26.94 -4.62
N VAL B 124 -2.75 26.26 -3.51
CA VAL B 124 -1.99 26.85 -2.42
C VAL B 124 -0.65 26.14 -2.30
N ILE B 125 0.45 26.89 -2.33
CA ILE B 125 1.78 26.30 -2.28
C ILE B 125 2.50 26.81 -1.03
N ILE B 126 2.80 25.91 -0.10
CA ILE B 126 3.50 26.27 1.12
C ILE B 126 4.89 25.65 1.10
N VAL B 127 5.92 26.49 1.22
CA VAL B 127 7.29 26.04 1.40
C VAL B 127 7.63 26.18 2.87
N MET B 128 8.21 25.12 3.46
CA MET B 128 8.61 25.13 4.86
C MET B 128 10.09 24.78 4.94
N ASP B 129 10.86 25.64 5.60
CA ASP B 129 12.26 25.35 5.87
C ASP B 129 12.41 24.48 7.10
N VAL B 130 13.39 23.59 7.05
CA VAL B 130 13.62 22.62 8.10
C VAL B 130 15.11 22.30 8.10
N ALA B 131 15.66 22.12 9.30
CA ALA B 131 17.00 21.59 9.44
C ALA B 131 17.06 20.19 8.84
N ALA B 132 18.16 19.90 8.13
CA ALA B 132 18.31 18.58 7.51
C ALA B 132 18.13 17.45 8.54
N GLN B 133 18.65 17.62 9.76
CA GLN B 133 18.44 16.60 10.78
C GLN B 133 16.96 16.42 11.11
N ASP B 134 16.12 17.38 10.74
CA ASP B 134 14.71 17.30 11.09
C ASP B 134 13.82 16.95 9.92
N GLN B 135 14.37 16.80 8.71
CA GLN B 135 13.50 16.71 7.55
C GLN B 135 12.65 15.45 7.59
N ALA B 136 13.26 14.31 7.90
CA ALA B 136 12.57 13.03 7.85
C ALA B 136 11.41 12.99 8.83
N ALA B 137 11.64 13.45 10.06
CA ALA B 137 10.57 13.54 11.03
C ALA B 137 9.42 14.37 10.47
N LEU B 138 9.74 15.52 9.86
CA LEU B 138 8.70 16.39 9.28
C LEU B 138 8.00 15.72 8.09
N VAL B 139 8.78 15.25 7.12
CA VAL B 139 8.23 14.54 5.97
C VAL B 139 7.28 13.44 6.41
N GLN B 140 7.75 12.58 7.32
CA GLN B 140 6.95 11.40 7.67
C GLN B 140 5.77 11.71 8.56
N VAL B 141 5.79 12.85 9.26
CA VAL B 141 4.65 13.19 10.12
C VAL B 141 3.56 13.86 9.30
N LEU B 142 3.92 14.74 8.38
CA LEU B 142 2.87 15.41 7.62
C LEU B 142 2.37 14.54 6.49
N GLY B 143 3.22 13.70 5.90
CA GLY B 143 2.84 12.83 4.80
C GLY B 143 2.28 11.47 5.18
N ARG B 144 1.22 11.47 6.01
CA ARG B 144 0.44 10.30 6.37
C ARG B 144 -1.01 10.54 6.01
N PRO B 145 -1.81 9.48 5.84
CA PRO B 145 -3.24 9.68 5.62
C PRO B 145 -3.88 10.60 6.65
N ASP B 146 -4.56 11.64 6.15
CA ASP B 146 -5.33 12.58 6.95
C ASP B 146 -6.78 12.42 6.53
N GLU B 147 -7.59 11.82 7.41
CA GLU B 147 -9.00 11.67 7.11
C GLU B 147 -9.82 12.88 7.52
N TRP B 148 -9.43 13.56 8.60
CA TRP B 148 -10.22 14.66 9.14
C TRP B 148 -10.32 15.83 8.15
N ILE B 149 -9.22 16.13 7.43
CA ILE B 149 -9.22 17.28 6.53
C ILE B 149 -10.23 17.08 5.40
N LYS B 150 -10.39 15.84 4.93
CA LYS B 150 -11.46 15.53 3.97
C LYS B 150 -12.83 15.92 4.48
N THR B 151 -12.98 16.20 5.78
CA THR B 151 -14.24 16.69 6.30
C THR B 151 -14.34 18.21 6.20
N VAL B 152 -13.20 18.91 6.14
CA VAL B 152 -13.22 20.35 5.96
C VAL B 152 -13.82 20.71 4.61
N PRO B 153 -14.91 21.47 4.57
CA PRO B 153 -15.55 21.80 3.29
C PRO B 153 -14.65 22.65 2.41
N GLY B 154 -14.63 22.30 1.12
CA GLY B 154 -13.76 22.92 0.17
C GLY B 154 -12.50 22.13 -0.09
N TYR B 155 -12.03 21.37 0.89
CA TYR B 155 -10.83 20.57 0.67
C TYR B 155 -11.00 19.65 -0.54
N LEU B 156 -9.95 19.57 -1.35
CA LEU B 156 -9.94 18.76 -2.56
C LEU B 156 -8.79 17.76 -2.59
N SER B 157 -7.55 18.21 -2.36
CA SER B 157 -6.38 17.33 -2.38
C SER B 157 -5.19 18.08 -1.82
N HIS B 158 -4.09 17.34 -1.60
CA HIS B 158 -2.80 17.96 -1.35
C HIS B 158 -1.72 16.91 -1.49
N ALA B 159 -0.52 17.37 -1.85
CA ALA B 159 0.64 16.51 -2.02
C ALA B 159 1.81 17.09 -1.23
N LEU B 160 2.59 16.21 -0.63
CA LEU B 160 3.70 16.61 0.19
C LEU B 160 4.98 16.24 -0.54
N CYS B 161 5.77 17.24 -0.91
CA CYS B 161 6.99 17.04 -1.68
C CYS B 161 8.22 17.32 -0.83
N ARG B 162 9.22 16.46 -0.96
CA ARG B 162 10.45 16.53 -0.18
C ARG B 162 11.52 17.18 -1.02
N GLY B 163 12.08 18.30 -0.54
CA GLY B 163 13.19 18.93 -1.23
C GLY B 163 14.41 18.06 -1.23
N ILE B 164 14.89 17.65 -2.40
CA ILE B 164 15.95 16.64 -2.45
C ILE B 164 17.27 17.12 -1.85
N ASP B 165 17.44 18.42 -1.62
CA ASP B 165 18.69 18.82 -0.98
C ASP B 165 18.65 18.61 0.53
N GLY B 166 17.49 18.26 1.09
CA GLY B 166 17.35 17.95 2.49
C GLY B 166 16.87 19.09 3.36
N THR B 167 16.71 20.29 2.84
CA THR B 167 16.56 21.46 3.69
C THR B 167 15.17 22.09 3.67
N PHE B 168 14.20 21.48 2.98
CA PHE B 168 12.88 22.09 2.93
C PHE B 168 11.83 21.05 2.55
N VAL B 169 10.57 21.43 2.77
CA VAL B 169 9.42 20.63 2.40
C VAL B 169 8.37 21.56 1.79
N VAL B 170 7.77 21.13 0.68
CA VAL B 170 6.75 21.90 -0.03
C VAL B 170 5.43 21.14 0.02
N LEU B 171 4.38 21.84 0.44
CA LEU B 171 3.01 21.35 0.39
C LEU B 171 2.29 21.97 -0.81
N TYR B 172 1.57 21.14 -1.59
CA TYR B 172 0.83 21.59 -2.78
C TYR B 172 -0.64 21.23 -2.63
N ALA B 173 -1.49 22.19 -2.25
CA ALA B 173 -2.87 21.90 -1.89
C ALA B 173 -3.85 22.44 -2.94
N GLN B 174 -4.98 21.74 -3.13
CA GLN B 174 -6.08 22.23 -3.95
C GLN B 174 -7.31 22.45 -3.09
N TRP B 175 -7.95 23.60 -3.28
CA TRP B 175 -9.17 23.93 -2.58
C TRP B 175 -10.22 24.39 -3.59
N GLU B 176 -11.48 24.16 -3.25
CA GLU B 176 -12.56 24.52 -4.18
C GLU B 176 -12.55 26.00 -4.50
N SER B 177 -12.08 26.83 -3.58
CA SER B 177 -12.11 28.28 -3.76
C SER B 177 -11.23 28.93 -2.69
N LYS B 178 -10.74 30.13 -3.02
CA LYS B 178 -10.02 30.95 -2.05
C LYS B 178 -10.82 31.12 -0.76
N GLU B 179 -12.14 31.25 -0.90
CA GLU B 179 -12.99 31.54 0.25
C GLU B 179 -13.09 30.34 1.18
N ARG B 180 -13.16 29.12 0.61
CA ARG B 180 -13.13 27.93 1.46
C ARG B 180 -11.79 27.76 2.16
N TYR B 181 -10.71 28.14 1.48
CA TYR B 181 -9.40 27.99 2.09
C TYR B 181 -9.17 29.03 3.19
N ASP B 182 -9.59 30.29 2.97
CA ASP B 182 -9.45 31.30 4.02
C ASP B 182 -10.28 30.93 5.23
N ALA B 183 -11.52 30.50 5.00
CA ALA B 183 -12.32 29.94 6.08
C ALA B 183 -11.54 28.86 6.82
N PHE B 184 -10.87 27.99 6.07
CA PHE B 184 -10.11 26.93 6.72
C PHE B 184 -8.92 27.50 7.49
N HIS B 185 -8.10 28.31 6.81
CA HIS B 185 -6.84 28.79 7.37
C HIS B 185 -7.03 29.41 8.76
N THR B 186 -8.04 30.27 8.90
CA THR B 186 -8.30 31.00 10.13
C THR B 186 -9.33 30.30 11.02
N MET B 187 -9.46 28.97 10.88
CA MET B 187 -10.35 28.18 11.73
C MET B 187 -9.95 28.32 13.20
N PRO B 188 -10.89 28.07 14.12
CA PRO B 188 -10.54 28.08 15.54
C PRO B 188 -9.80 26.82 15.97
N GLU B 189 -8.94 26.99 16.98
CA GLU B 189 -8.32 25.84 17.62
C GLU B 189 -9.36 24.90 18.21
N SER B 190 -10.44 25.47 18.74
CA SER B 190 -11.54 24.68 19.28
C SER B 190 -12.08 23.70 18.24
N ALA B 191 -12.25 24.15 17.00
CA ALA B 191 -12.77 23.30 15.93
C ALA B 191 -11.74 22.30 15.43
N ARG B 192 -10.49 22.40 15.86
CA ARG B 192 -9.47 21.47 15.43
C ARG B 192 -9.39 20.29 16.40
N PRO B 193 -9.53 19.05 15.94
CA PRO B 193 -9.51 17.91 16.86
C PRO B 193 -8.21 17.83 17.65
N GLN B 194 -8.25 17.05 18.72
CA GLN B 194 -7.04 16.85 19.53
C GLN B 194 -5.89 16.33 18.65
N ALA B 195 -6.14 15.27 17.88
CA ALA B 195 -5.09 14.66 17.04
C ALA B 195 -4.40 15.72 16.17
N VAL B 196 -5.19 16.59 15.53
CA VAL B 196 -4.60 17.61 14.68
C VAL B 196 -3.98 18.73 15.51
N ARG B 197 -4.51 18.96 16.73
CA ARG B 197 -3.96 20.01 17.59
C ARG B 197 -2.56 19.65 18.06
N GLU B 198 -2.41 18.49 18.70
CA GLU B 198 -1.09 18.09 19.20
C GLU B 198 -0.13 17.73 18.07
N GLN B 199 -0.64 17.47 16.87
CA GLN B 199 0.23 17.33 15.72
C GLN B 199 0.83 18.68 15.33
N ARG B 200 -0.02 19.71 15.19
CA ARG B 200 0.50 21.04 14.86
C ARG B 200 1.50 21.53 15.88
N ALA B 201 1.23 21.29 17.16
CA ALA B 201 2.09 21.79 18.22
C ALA B 201 3.47 21.15 18.16
N PHE B 202 3.53 19.87 17.82
CA PHE B 202 4.83 19.25 17.66
C PHE B 202 5.49 19.66 16.34
N THR B 203 4.68 19.88 15.29
CA THR B 203 5.21 20.06 13.94
C THR B 203 5.76 21.45 13.72
N ASP B 204 5.18 22.47 14.35
CA ASP B 204 5.76 23.82 14.31
C ASP B 204 7.15 23.85 14.94
N THR B 205 7.51 22.88 15.77
CA THR B 205 8.84 22.91 16.37
C THR B 205 9.94 22.48 15.40
N LEU B 206 9.60 21.87 14.27
CA LEU B 206 10.61 21.53 13.28
C LEU B 206 10.69 22.51 12.13
N ILE B 207 9.63 23.29 11.92
CA ILE B 207 9.55 24.23 10.81
C ILE B 207 10.23 25.54 11.25
N THR B 208 11.41 25.81 10.67
CA THR B 208 12.07 27.10 10.88
C THR B 208 11.19 28.26 10.43
N ALA B 209 10.63 28.16 9.22
CA ALA B 209 9.73 29.16 8.67
C ALA B 209 8.95 28.56 7.50
N ARG B 210 7.83 29.18 7.19
CA ARG B 210 7.05 28.81 6.02
C ARG B 210 6.80 30.05 5.14
N ARG B 211 6.47 29.79 3.88
CA ARG B 211 5.98 30.79 2.93
C ARG B 211 4.75 30.22 2.24
N SER B 212 3.69 31.02 2.15
CA SER B 212 2.48 30.63 1.45
C SER B 212 2.30 31.50 0.21
N ASN B 213 1.88 30.88 -0.90
CA ASN B 213 1.54 31.64 -2.08
C ASN B 213 0.42 30.90 -2.78
N THR B 214 -0.60 31.63 -3.20
CA THR B 214 -1.74 31.00 -3.81
C THR B 214 -1.82 31.42 -5.28
N TYR B 215 -2.31 30.50 -6.11
CA TYR B 215 -2.23 30.66 -7.55
C TYR B 215 -3.50 30.12 -8.18
N ARG B 216 -3.62 30.41 -9.47
CA ARG B 216 -4.64 29.86 -10.34
C ARG B 216 -3.90 29.24 -11.52
N VAL B 217 -4.13 27.95 -11.78
CA VAL B 217 -3.53 27.33 -12.95
C VAL B 217 -4.08 28.00 -14.19
N VAL B 218 -3.19 28.29 -15.16
CA VAL B 218 -3.58 29.08 -16.33
C VAL B 218 -3.02 28.52 -17.63
N HIS B 219 -2.05 27.61 -17.56
CA HIS B 219 -1.49 27.04 -18.78
C HIS B 219 -0.89 25.67 -18.49
N THR B 220 -1.09 24.71 -19.42
CA THR B 220 -0.49 23.40 -19.19
C THR B 220 -0.12 22.71 -20.50
N ARG B 221 0.97 21.94 -20.45
CA ARG B 221 1.36 21.13 -21.60
C ARG B 221 2.20 19.96 -21.12
N SER B 222 1.83 18.76 -21.56
CA SER B 222 2.66 17.57 -21.38
C SER B 222 3.33 17.20 -22.69
N ALA B 223 4.42 16.42 -22.58
CA ALA B 223 5.22 16.05 -23.74
C ALA B 223 4.37 15.44 -24.84
N GLY B 224 4.46 16.02 -26.04
CA GLY B 224 3.76 15.48 -27.20
C GLY B 224 2.25 15.49 -27.12
N SER B 225 1.69 16.41 -26.35
CA SER B 225 0.25 16.63 -26.37
C SER B 225 0.00 18.13 -26.45
N PRO B 226 -1.15 18.53 -26.97
CA PRO B 226 -1.40 19.96 -27.16
C PRO B 226 -1.55 20.68 -25.83
N ALA B 227 -1.24 21.97 -25.85
CA ALA B 227 -1.40 22.81 -24.68
C ALA B 227 -2.87 23.03 -24.35
N VAL B 228 -3.16 23.19 -23.07
CA VAL B 228 -4.46 23.65 -22.59
C VAL B 228 -4.23 24.97 -21.87
N SER B 229 -5.03 25.98 -22.18
CA SER B 229 -4.74 27.32 -21.69
C SER B 229 -6.01 28.13 -21.46
N ILE B 230 -5.94 29.00 -20.46
CA ILE B 230 -6.90 30.07 -20.25
C ILE B 230 -6.21 31.43 -20.27
N MET B 231 -5.01 31.51 -20.84
CA MET B 231 -4.32 32.79 -20.97
C MET B 231 -4.23 33.19 -22.43
N ASN B 232 -4.56 34.46 -22.70
CA ASN B 232 -4.59 35.02 -24.03
C ASN B 232 -3.17 35.33 -24.51
N GLN B 233 -3.07 35.71 -25.79
CA GLN B 233 -1.90 36.45 -26.22
C GLN B 233 -1.69 37.63 -25.28
N GLU B 234 -0.52 37.65 -24.62
CA GLU B 234 -0.22 38.48 -23.44
C GLU B 234 -0.86 37.88 -22.20
N GLY B 235 -0.11 37.85 -21.10
CA GLY B 235 -0.46 37.02 -19.96
C GLY B 235 -1.66 37.45 -19.15
N THR B 236 -2.87 37.13 -19.61
CA THR B 236 -4.09 37.43 -18.87
C THR B 236 -5.02 36.22 -18.88
N TRP B 237 -5.74 36.02 -17.77
CA TRP B 237 -6.58 34.83 -17.58
C TRP B 237 -8.02 35.28 -17.49
N GLN B 238 -8.89 34.51 -18.12
CA GLN B 238 -10.31 34.77 -18.11
C GLN B 238 -11.06 33.61 -17.46
N PRO C 2 28.27 -8.47 22.18
CA PRO C 2 28.20 -7.83 20.86
C PRO C 2 27.76 -6.38 20.92
N VAL C 3 27.92 -5.66 19.80
CA VAL C 3 27.66 -4.22 19.73
C VAL C 3 26.37 -3.99 18.97
N ILE C 4 25.56 -3.05 19.46
CA ILE C 4 24.34 -2.61 18.77
C ILE C 4 24.67 -1.31 18.04
N ALA C 5 24.72 -1.39 16.71
CA ALA C 5 25.00 -0.23 15.87
C ALA C 5 23.85 -0.01 14.90
N ALA C 6 23.49 1.24 14.66
CA ALA C 6 22.40 1.55 13.74
C ALA C 6 22.85 1.38 12.29
N ASN C 7 21.94 0.81 11.47
CA ASN C 7 21.99 0.85 10.01
C ASN C 7 23.25 0.19 9.44
N ASP C 8 23.68 -0.90 10.06
CA ASP C 8 24.59 -1.80 9.36
C ASP C 8 23.86 -2.77 8.44
N GLY C 9 22.53 -2.65 8.33
CA GLY C 9 21.78 -3.54 7.47
C GLY C 9 21.80 -4.99 7.91
N CYS C 10 22.20 -5.27 9.15
CA CYS C 10 22.07 -6.61 9.68
C CYS C 10 20.70 -6.73 10.35
N LEU C 11 20.18 -7.96 10.40
CA LEU C 11 18.83 -8.21 10.91
C LEU C 11 18.89 -8.46 12.40
N THR C 12 18.09 -7.72 13.15
CA THR C 12 18.10 -7.80 14.61
C THR C 12 16.78 -8.38 15.08
N VAL C 13 16.85 -9.57 15.68
CA VAL C 13 15.68 -10.36 16.02
C VAL C 13 15.56 -10.44 17.54
N PHE C 14 14.35 -10.21 18.04
CA PHE C 14 14.00 -10.39 19.44
C PHE C 14 13.17 -11.67 19.63
N ASN C 15 13.79 -12.73 20.13
CA ASN C 15 13.07 -13.94 20.59
C ASN C 15 12.64 -13.73 22.03
N MET C 16 11.32 -13.85 22.29
CA MET C 16 10.75 -13.51 23.59
C MET C 16 9.73 -14.58 23.99
N PHE C 17 10.15 -15.45 24.91
CA PHE C 17 9.33 -16.53 25.42
C PHE C 17 9.01 -16.26 26.88
N THR C 18 7.79 -16.59 27.31
CA THR C 18 7.47 -16.60 28.73
C THR C 18 7.08 -18.01 29.21
N THR C 19 7.11 -18.20 30.52
CA THR C 19 6.74 -19.49 31.12
C THR C 19 5.82 -19.27 32.32
N ASP C 20 5.10 -20.33 32.66
CA ASP C 20 4.15 -20.27 33.78
C ASP C 20 4.85 -20.29 35.15
N THR C 21 6.03 -20.92 35.24
CA THR C 21 6.71 -21.14 36.50
C THR C 21 8.18 -20.79 36.36
N ILE C 22 8.82 -20.48 37.51
CA ILE C 22 10.27 -20.24 37.52
C ILE C 22 11.02 -21.50 37.08
N ASP C 23 10.49 -22.68 37.41
CA ASP C 23 11.06 -23.92 36.88
C ASP C 23 11.18 -23.87 35.36
N GLY C 24 10.07 -23.55 34.67
CA GLY C 24 10.09 -23.59 33.22
C GLY C 24 10.91 -22.48 32.60
N GLN C 25 11.02 -21.33 33.28
CA GLN C 25 11.92 -20.28 32.83
C GLN C 25 13.37 -20.78 32.80
N ARG C 26 13.80 -21.47 33.87
CA ARG C 26 15.19 -21.87 33.93
C ARG C 26 15.49 -22.96 32.90
N GLU C 27 14.60 -23.95 32.79
CA GLU C 27 14.77 -25.02 31.81
C GLU C 27 14.82 -24.45 30.39
N LEU C 28 13.93 -23.51 30.08
CA LEU C 28 13.93 -22.91 28.75
C LEU C 28 15.21 -22.10 28.51
N LEU C 29 15.65 -21.31 29.50
CA LEU C 29 16.93 -20.65 29.41
C LEU C 29 18.07 -21.65 29.16
N LYS C 30 18.12 -22.72 29.95
CA LYS C 30 19.09 -23.77 29.69
C LYS C 30 19.03 -24.23 28.24
N GLU C 31 17.82 -24.56 27.76
CA GLU C 31 17.65 -25.02 26.39
C GLU C 31 18.10 -23.97 25.38
N MET C 32 17.90 -22.69 25.68
CA MET C 32 18.38 -21.67 24.76
C MET C 32 19.90 -21.59 24.76
N ARG C 33 20.52 -21.76 25.92
CA ARG C 33 21.98 -21.71 26.00
C ARG C 33 22.63 -22.75 25.09
N ASP C 34 22.15 -24.00 25.16
CA ASP C 34 22.79 -25.05 24.39
C ASP C 34 22.63 -24.83 22.90
N ILE C 35 21.51 -24.23 22.48
CA ILE C 35 21.29 -23.92 21.09
C ILE C 35 22.35 -22.94 20.59
N ILE C 36 22.42 -21.77 21.23
CA ILE C 36 23.47 -20.77 20.98
C ILE C 36 24.86 -21.42 20.98
N ASP C 37 25.17 -22.20 22.02
CA ASP C 37 26.55 -22.67 22.19
C ASP C 37 27.00 -23.57 21.04
N ASN C 38 26.07 -24.35 20.46
CA ASN C 38 26.42 -25.36 19.47
C ASN C 38 25.89 -25.06 18.07
N GLY C 39 25.04 -24.05 17.91
CA GLY C 39 24.56 -23.73 16.58
C GLY C 39 25.41 -22.73 15.84
N ASN C 40 25.90 -23.11 14.66
CA ASN C 40 26.82 -22.30 13.86
C ASN C 40 26.29 -22.11 12.45
N PHE C 41 25.02 -21.71 12.35
CA PHE C 41 24.37 -21.51 11.06
C PHE C 41 25.05 -20.37 10.28
N THR C 42 24.80 -20.34 8.98
CA THR C 42 25.45 -19.37 8.11
C THR C 42 24.72 -18.03 8.16
N GLY C 43 25.46 -16.94 8.35
CA GLY C 43 24.87 -15.64 8.46
C GLY C 43 24.43 -15.24 9.86
N TRP C 44 24.38 -16.17 10.80
CA TRP C 44 24.17 -15.84 12.20
C TRP C 44 25.43 -15.16 12.75
N ARG C 45 25.27 -13.96 13.29
CA ARG C 45 26.43 -13.21 13.79
C ARG C 45 26.63 -13.32 15.29
N SER C 46 25.56 -13.19 16.09
CA SER C 46 25.71 -13.20 17.54
C SER C 46 24.35 -13.42 18.18
N SER C 47 24.37 -13.97 19.39
CA SER C 47 23.16 -14.24 20.18
C SER C 47 23.44 -13.83 21.61
N THR C 48 22.51 -13.10 22.22
CA THR C 48 22.71 -12.58 23.57
C THR C 48 21.45 -12.86 24.38
N LEU C 49 21.54 -13.84 25.27
CA LEU C 49 20.41 -14.27 26.10
C LEU C 49 20.14 -13.25 27.20
N HIS C 50 18.85 -12.99 27.45
CA HIS C 50 18.36 -12.14 28.52
C HIS C 50 17.42 -12.95 29.42
N ALA C 51 17.58 -12.81 30.74
CA ALA C 51 16.71 -13.47 31.72
C ALA C 51 15.77 -12.45 32.35
N GLY C 52 14.48 -12.66 32.19
CA GLY C 52 13.51 -11.70 32.71
C GLY C 52 13.65 -11.51 34.21
N GLN C 53 13.50 -10.26 34.63
CA GLN C 53 13.55 -9.90 36.05
C GLN C 53 12.53 -10.66 36.88
N ASP C 54 11.38 -11.02 36.29
CA ASP C 54 10.35 -11.75 37.00
C ASP C 54 10.59 -13.25 37.00
N GLU C 55 11.76 -13.70 36.57
CA GLU C 55 12.06 -15.12 36.42
C GLU C 55 10.88 -15.87 35.78
N HIS C 56 10.31 -15.29 34.72
CA HIS C 56 9.14 -15.85 34.06
C HIS C 56 9.16 -15.65 32.54
N GLY C 57 10.27 -15.21 31.98
CA GLY C 57 10.32 -14.96 30.57
C GLY C 57 11.72 -14.59 30.15
N THR C 58 12.14 -15.09 29.01
CA THR C 58 13.47 -14.89 28.48
C THR C 58 13.39 -14.02 27.23
N ALA C 59 14.56 -13.70 26.68
CA ALA C 59 14.63 -12.89 25.47
C ALA C 59 15.98 -13.13 24.82
N ASN C 60 16.00 -13.59 23.57
CA ASN C 60 17.22 -13.75 22.81
C ASN C 60 17.37 -12.61 21.80
N TYR C 61 18.50 -11.89 21.86
CA TYR C 61 18.82 -10.77 20.96
C TYR C 61 19.80 -11.32 19.92
N ILE C 62 19.31 -11.55 18.69
CA ILE C 62 20.05 -12.26 17.65
C ILE C 62 20.35 -11.30 16.51
N GLN C 63 21.61 -11.25 16.09
CA GLN C 63 22.05 -10.43 14.96
C GLN C 63 22.29 -11.34 13.75
N TRP C 64 21.48 -11.15 12.72
CA TRP C 64 21.61 -11.90 11.47
C TRP C 64 22.18 -11.04 10.37
N ARG C 65 22.97 -11.67 9.49
CA ARG C 65 23.57 -10.90 8.41
C ARG C 65 22.49 -10.34 7.48
N SER C 66 21.52 -11.19 7.12
CA SER C 66 20.42 -10.83 6.23
C SER C 66 19.20 -11.65 6.62
N LEU C 67 18.03 -11.15 6.22
CA LEU C 67 16.81 -11.92 6.39
C LEU C 67 16.80 -13.22 5.59
N ALA C 68 17.53 -13.26 4.47
CA ALA C 68 17.68 -14.51 3.73
C ALA C 68 18.23 -15.60 4.64
N ASP C 69 19.39 -15.31 5.27
CA ASP C 69 20.03 -16.23 6.19
C ASP C 69 19.04 -16.80 7.20
N LEU C 70 18.36 -15.91 7.95
CA LEU C 70 17.43 -16.37 8.97
C LEU C 70 16.55 -17.47 8.43
N GLU C 71 15.94 -17.23 7.28
CA GLU C 71 15.06 -18.19 6.66
C GLU C 71 15.82 -19.41 6.07
N ALA C 72 17.10 -19.58 6.42
CA ALA C 72 17.88 -20.76 6.04
C ALA C 72 18.94 -21.13 7.11
N LEU C 86 14.86 -27.58 18.57
CA LEU C 86 13.76 -28.32 19.19
C LEU C 86 13.75 -28.14 20.73
N PHE C 87 12.56 -27.89 21.27
CA PHE C 87 12.38 -27.44 22.65
C PHE C 87 11.53 -28.45 23.41
N LYS C 88 12.08 -28.99 24.50
CA LYS C 88 11.24 -29.86 25.33
C LYS C 88 10.34 -29.03 26.24
N GLN C 89 10.74 -27.81 26.60
CA GLN C 89 10.01 -27.02 27.58
C GLN C 89 8.96 -26.17 26.90
N ILE C 90 7.71 -26.34 27.34
CA ILE C 90 6.61 -25.53 26.82
C ILE C 90 6.71 -24.10 27.32
N SER C 91 6.14 -23.19 26.54
CA SER C 91 5.97 -21.78 26.85
C SER C 91 4.50 -21.41 26.84
N THR C 92 4.21 -20.26 27.45
CA THR C 92 2.88 -19.67 27.47
C THR C 92 2.75 -18.46 26.55
N SER C 93 3.81 -18.08 25.85
CA SER C 93 3.72 -17.19 24.68
C SER C 93 5.08 -17.05 24.01
N VAL C 94 5.07 -16.85 22.69
CA VAL C 94 6.29 -16.73 21.89
C VAL C 94 6.14 -15.54 20.95
N HIS C 95 7.16 -14.70 20.88
CA HIS C 95 7.14 -13.60 19.93
C HIS C 95 8.52 -13.51 19.30
N LEU C 96 8.60 -13.83 18.01
CA LEU C 96 9.81 -13.68 17.22
C LEU C 96 9.66 -12.36 16.47
N LEU C 97 10.31 -11.30 16.98
CA LEU C 97 10.22 -9.96 16.39
C LEU C 97 11.43 -9.72 15.49
N LYS C 98 11.20 -9.72 14.18
CA LYS C 98 12.27 -9.39 13.24
C LYS C 98 12.27 -7.86 13.01
N THR C 99 13.42 -7.23 13.29
CA THR C 99 13.53 -5.79 13.28
C THR C 99 14.84 -5.33 12.65
N GLU C 100 14.99 -4.02 12.57
CA GLU C 100 16.20 -3.37 12.08
C GLU C 100 16.52 -2.26 13.04
N VAL C 101 17.77 -2.18 13.45
CA VAL C 101 18.20 -1.10 14.34
C VAL C 101 18.44 0.13 13.48
N VAL C 102 17.65 1.17 13.72
CA VAL C 102 17.69 2.39 12.93
C VAL C 102 18.31 3.58 13.68
N PHE C 103 18.40 3.52 15.01
CA PHE C 103 18.97 4.60 15.80
C PHE C 103 19.53 4.04 17.10
N SER C 104 20.59 4.66 17.59
CA SER C 104 21.19 4.30 18.86
C SER C 104 22.03 5.46 19.34
N GLN C 105 22.05 5.66 20.66
CA GLN C 105 22.93 6.62 21.28
C GLN C 105 23.32 6.09 22.65
N HIS C 106 24.40 6.63 23.19
CA HIS C 106 24.89 6.18 24.49
C HIS C 106 25.42 7.36 25.29
N HIS C 107 25.64 7.10 26.57
CA HIS C 107 26.28 8.08 27.44
C HIS C 107 27.70 8.37 26.95
N PRO C 108 28.10 9.65 26.96
CA PRO C 108 29.47 10.01 26.57
C PRO C 108 30.56 9.14 27.19
N ASP C 109 30.34 8.59 28.39
CA ASP C 109 31.35 7.74 29.00
C ASP C 109 31.61 6.48 28.18
N LEU C 110 30.55 5.88 27.57
CA LEU C 110 30.73 4.64 26.83
C LEU C 110 31.23 4.94 25.42
N PRO C 111 31.96 4.01 24.80
CA PRO C 111 32.39 4.22 23.42
C PRO C 111 31.37 3.73 22.38
N ARG C 112 30.72 2.59 22.65
CA ARG C 112 29.66 2.03 21.83
C ARG C 112 28.57 1.51 22.76
N ILE C 113 27.50 0.95 22.18
CA ILE C 113 26.59 0.12 22.93
C ILE C 113 27.09 -1.31 22.86
N GLU C 114 27.56 -1.81 23.98
CA GLU C 114 27.98 -3.21 24.08
C GLU C 114 27.03 -3.94 25.02
N ILE C 115 26.68 -5.17 24.65
CA ILE C 115 25.85 -6.02 25.50
C ILE C 115 26.70 -7.22 25.90
N SER C 116 26.76 -7.48 27.21
CA SER C 116 27.65 -8.50 27.70
C SER C 116 27.14 -9.00 29.03
N PRO C 117 27.18 -10.31 29.28
CA PRO C 117 26.92 -10.79 30.65
C PRO C 117 27.97 -10.29 31.63
N GLU C 118 29.17 -9.95 31.14
CA GLU C 118 30.22 -9.36 31.97
C GLU C 118 29.91 -7.92 32.36
N ARG C 119 28.91 -7.29 31.77
CA ARG C 119 28.49 -5.99 32.27
C ARG C 119 27.35 -6.21 33.27
N ASP C 120 26.94 -5.13 33.92
CA ASP C 120 25.95 -5.18 34.98
C ASP C 120 24.71 -4.34 34.62
N ASP C 121 24.28 -4.42 33.37
CA ASP C 121 23.27 -3.48 32.88
C ASP C 121 21.87 -3.94 33.25
N TYR C 122 21.07 -3.01 33.77
CA TYR C 122 19.63 -3.20 33.92
C TYR C 122 18.98 -2.95 32.55
N THR C 123 18.67 -4.04 31.83
CA THR C 123 18.25 -3.93 30.43
C THR C 123 16.72 -3.87 30.32
N VAL C 124 16.22 -2.84 29.66
CA VAL C 124 14.79 -2.58 29.51
C VAL C 124 14.43 -2.73 28.03
N ILE C 125 13.49 -3.61 27.73
CA ILE C 125 12.96 -3.79 26.39
C ILE C 125 11.50 -3.36 26.43
N ILE C 126 11.15 -2.38 25.59
CA ILE C 126 9.76 -1.90 25.46
C ILE C 126 9.33 -2.13 24.02
N VAL C 127 8.28 -2.94 23.83
CA VAL C 127 7.73 -3.23 22.51
C VAL C 127 6.45 -2.41 22.33
N MET C 128 6.38 -1.64 21.26
CA MET C 128 5.26 -0.73 21.03
C MET C 128 4.52 -1.11 19.74
N ASP C 129 3.20 -1.15 19.81
CA ASP C 129 2.40 -1.35 18.60
C ASP C 129 2.04 -0.01 17.97
N VAL C 130 1.98 -0.01 16.66
CA VAL C 130 1.71 1.19 15.90
C VAL C 130 0.99 0.78 14.62
N ALA C 131 -0.03 1.53 14.23
CA ALA C 131 -0.63 1.31 12.92
C ALA C 131 0.45 1.43 11.84
N ALA C 132 0.35 0.58 10.82
CA ALA C 132 1.40 0.50 9.81
C ALA C 132 1.62 1.83 9.08
N GLN C 133 0.57 2.67 9.03
CA GLN C 133 0.63 3.97 8.38
C GLN C 133 1.29 5.03 9.27
N ASP C 134 1.43 4.75 10.56
CA ASP C 134 2.13 5.65 11.45
C ASP C 134 3.55 5.17 11.74
N GLN C 135 3.96 4.04 11.18
CA GLN C 135 5.20 3.42 11.64
C GLN C 135 6.41 4.28 11.35
N ALA C 136 6.49 4.80 10.12
CA ALA C 136 7.61 5.65 9.73
C ALA C 136 7.63 6.95 10.53
N ALA C 137 6.45 7.51 10.83
CA ALA C 137 6.40 8.71 11.63
C ALA C 137 6.94 8.46 13.03
N LEU C 138 6.49 7.37 13.66
CA LEU C 138 6.97 7.02 15.00
C LEU C 138 8.48 6.77 14.99
N VAL C 139 8.96 5.95 14.05
CA VAL C 139 10.39 5.70 13.91
C VAL C 139 11.17 6.99 13.81
N GLN C 140 10.73 7.90 12.92
CA GLN C 140 11.50 9.11 12.63
C GLN C 140 11.41 10.15 13.74
N VAL C 141 10.37 10.09 14.57
CA VAL C 141 10.25 11.03 15.68
C VAL C 141 11.00 10.53 16.92
N LEU C 142 11.04 9.22 17.16
CA LEU C 142 11.79 8.66 18.28
C LEU C 142 13.26 8.47 17.99
N GLY C 143 13.62 8.02 16.79
CA GLY C 143 15.00 7.80 16.40
C GLY C 143 15.75 9.09 16.10
N ARG C 144 15.89 9.95 17.11
CA ARG C 144 16.58 11.22 16.97
C ARG C 144 17.42 11.43 18.22
N PRO C 145 18.53 12.14 18.09
CA PRO C 145 19.39 12.36 19.27
C PRO C 145 18.63 13.03 20.40
N ASP C 146 18.83 12.51 21.61
CA ASP C 146 18.19 12.97 22.83
C ASP C 146 19.34 13.38 23.74
N GLU C 147 19.61 14.68 23.82
CA GLU C 147 20.72 15.12 24.66
C GLU C 147 20.32 15.19 26.13
N TRP C 148 19.08 15.60 26.41
CA TRP C 148 18.65 15.71 27.78
C TRP C 148 18.71 14.36 28.52
N ILE C 149 18.27 13.27 27.85
CA ILE C 149 18.24 11.96 28.50
C ILE C 149 19.64 11.55 29.02
N LYS C 150 20.72 12.01 28.38
CA LYS C 150 22.05 11.62 28.79
C LYS C 150 22.49 12.25 30.11
N THR C 151 21.73 13.21 30.63
CA THR C 151 21.98 13.77 31.95
C THR C 151 21.14 13.11 33.04
N VAL C 152 20.32 12.13 32.69
CA VAL C 152 19.51 11.42 33.68
C VAL C 152 20.40 10.41 34.41
N PRO C 153 20.48 10.46 35.73
CA PRO C 153 21.41 9.57 36.44
C PRO C 153 21.11 8.12 36.11
N GLY C 154 22.15 7.36 35.78
CA GLY C 154 22.00 5.95 35.53
C GLY C 154 21.75 5.57 34.08
N TYR C 155 21.34 6.54 33.24
CA TYR C 155 21.16 6.27 31.82
C TYR C 155 22.48 5.86 31.20
N LEU C 156 22.44 4.83 30.36
CA LEU C 156 23.63 4.40 29.64
C LEU C 156 23.45 4.47 28.14
N SER C 157 22.37 3.92 27.61
CA SER C 157 22.21 3.86 26.16
C SER C 157 20.79 3.40 25.85
N HIS C 158 20.41 3.58 24.58
CA HIS C 158 19.18 3.02 24.09
C HIS C 158 19.27 2.98 22.59
N ALA C 159 18.43 2.12 22.00
CA ALA C 159 18.42 1.86 20.57
C ALA C 159 16.97 1.69 20.14
N LEU C 160 16.70 2.04 18.88
CA LEU C 160 15.36 1.99 18.31
C LEU C 160 15.38 1.01 17.16
N CYS C 161 14.52 0.00 17.22
CA CYS C 161 14.47 -1.06 16.23
C CYS C 161 13.13 -0.99 15.50
N ARG C 162 13.17 -1.00 14.18
CA ARG C 162 11.95 -0.92 13.37
C ARG C 162 11.43 -2.32 13.11
N GLY C 163 10.20 -2.62 13.56
CA GLY C 163 9.55 -3.86 13.17
C GLY C 163 9.43 -3.94 11.66
N ILE C 164 10.02 -4.97 11.06
CA ILE C 164 10.04 -5.09 9.60
C ILE C 164 8.66 -5.31 9.00
N ASP C 165 7.69 -5.83 9.75
CA ASP C 165 6.37 -6.00 9.16
C ASP C 165 5.52 -4.73 9.28
N GLY C 166 6.07 -3.67 9.84
CA GLY C 166 5.45 -2.37 9.85
C GLY C 166 4.50 -2.09 10.99
N THR C 167 4.37 -2.99 11.95
CA THR C 167 3.32 -2.88 12.96
C THR C 167 3.84 -2.70 14.38
N PHE C 168 5.15 -2.65 14.59
CA PHE C 168 5.66 -2.44 15.94
C PHE C 168 7.05 -1.79 15.89
N VAL C 169 7.42 -1.15 16.99
CA VAL C 169 8.79 -0.70 17.16
C VAL C 169 9.28 -1.24 18.49
N VAL C 170 10.59 -1.47 18.59
CA VAL C 170 11.20 -1.98 19.80
C VAL C 170 12.23 -0.96 20.29
N LEU C 171 12.20 -0.68 21.59
CA LEU C 171 13.13 0.19 22.28
C LEU C 171 13.98 -0.68 23.20
N TYR C 172 15.31 -0.65 23.03
CA TYR C 172 16.26 -1.43 23.81
C TYR C 172 17.16 -0.50 24.62
N ALA C 173 16.93 -0.40 25.93
CA ALA C 173 17.61 0.56 26.78
C ALA C 173 18.53 -0.12 27.77
N GLN C 174 19.68 0.50 28.02
CA GLN C 174 20.60 0.08 29.07
C GLN C 174 20.58 1.12 30.18
N TRP C 175 20.41 0.66 31.42
CA TRP C 175 20.47 1.51 32.60
C TRP C 175 21.42 0.88 33.61
N GLU C 176 21.82 1.67 34.62
CA GLU C 176 22.78 1.16 35.60
C GLU C 176 22.12 0.29 36.65
N SER C 177 20.87 0.59 36.99
CA SER C 177 20.18 -0.04 38.11
C SER C 177 18.69 0.07 37.89
N LYS C 178 17.95 -0.85 38.52
CA LYS C 178 16.50 -0.69 38.57
C LYS C 178 16.11 0.63 39.24
N GLU C 179 16.89 1.06 40.23
CA GLU C 179 16.57 2.30 40.95
C GLU C 179 16.65 3.51 40.03
N ARG C 180 17.68 3.57 39.18
CA ARG C 180 17.80 4.68 38.25
C ARG C 180 16.68 4.69 37.21
N TYR C 181 16.42 3.53 36.57
CA TYR C 181 15.37 3.48 35.56
C TYR C 181 14.01 3.81 36.15
N ASP C 182 13.68 3.22 37.30
CA ASP C 182 12.39 3.49 37.91
C ASP C 182 12.27 4.94 38.37
N ALA C 183 13.36 5.52 38.88
CA ALA C 183 13.37 6.95 39.13
C ALA C 183 13.05 7.73 37.86
N PHE C 184 13.68 7.36 36.74
CA PHE C 184 13.43 8.07 35.50
C PHE C 184 11.98 7.90 35.05
N HIS C 185 11.43 6.71 35.27
CA HIS C 185 10.09 6.45 34.75
C HIS C 185 9.03 7.12 35.61
N THR C 186 9.22 7.16 36.93
CA THR C 186 8.25 7.78 37.81
C THR C 186 8.32 9.31 37.80
N MET C 187 9.07 9.89 36.89
CA MET C 187 9.36 11.32 36.98
C MET C 187 8.10 12.13 36.73
N PRO C 188 7.83 13.14 37.55
CA PRO C 188 6.73 14.05 37.25
C PRO C 188 6.91 14.66 35.86
N GLU C 189 5.80 14.77 35.12
CA GLU C 189 5.85 15.33 33.78
C GLU C 189 6.54 16.69 33.76
N SER C 190 6.29 17.51 34.79
CA SER C 190 6.85 18.86 34.85
C SER C 190 8.38 18.83 34.92
N ALA C 191 8.95 17.78 35.51
CA ALA C 191 10.41 17.65 35.57
C ALA C 191 11.03 17.39 34.21
N ARG C 192 10.23 17.01 33.23
CA ARG C 192 10.77 16.76 31.90
C ARG C 192 10.74 18.06 31.08
N PRO C 193 11.77 18.33 30.29
CA PRO C 193 11.80 19.59 29.53
C PRO C 193 10.67 19.69 28.50
N GLN C 194 10.42 20.93 28.06
CA GLN C 194 9.30 21.18 27.16
C GLN C 194 9.40 20.37 25.87
N ALA C 195 10.61 20.26 25.32
CA ALA C 195 10.79 19.50 24.08
C ALA C 195 10.35 18.05 24.25
N VAL C 196 10.82 17.40 25.33
CA VAL C 196 10.50 15.99 25.57
C VAL C 196 9.00 15.82 25.79
N ARG C 197 8.39 16.73 26.56
CA ARG C 197 6.97 16.55 26.91
C ARG C 197 6.10 16.59 25.67
N GLU C 198 6.32 17.58 24.80
CA GLU C 198 5.54 17.66 23.56
C GLU C 198 5.77 16.44 22.69
N GLN C 199 7.01 15.94 22.68
CA GLN C 199 7.34 14.75 21.89
C GLN C 199 6.48 13.57 22.33
N ARG C 200 6.60 13.17 23.60
CA ARG C 200 5.82 12.05 24.11
C ARG C 200 4.33 12.33 23.96
N ALA C 201 3.93 13.58 24.18
CA ALA C 201 2.55 13.96 23.98
C ALA C 201 2.06 13.60 22.58
N PHE C 202 2.89 13.83 21.56
CA PHE C 202 2.47 13.52 20.21
C PHE C 202 2.67 12.04 19.89
N THR C 203 3.77 11.45 20.34
CA THR C 203 3.99 10.04 20.01
C THR C 203 3.05 9.11 20.76
N ASP C 204 2.40 9.58 21.83
CA ASP C 204 1.38 8.75 22.48
C ASP C 204 0.19 8.53 21.58
N THR C 205 -0.15 9.50 20.72
CA THR C 205 -1.21 9.28 19.75
C THR C 205 -0.78 8.37 18.62
N LEU C 206 0.48 7.96 18.57
CA LEU C 206 0.92 7.00 17.56
C LEU C 206 1.04 5.58 18.10
N ILE C 207 1.36 5.41 19.38
CA ILE C 207 1.44 4.08 19.96
C ILE C 207 0.06 3.60 20.35
N THR C 208 -0.27 2.38 19.94
CA THR C 208 -1.56 1.78 20.24
C THR C 208 -1.50 0.81 21.41
N ALA C 209 -0.27 0.48 21.85
CA ALA C 209 -0.05 -0.48 22.96
C ALA C 209 1.46 -0.62 23.20
N ARG C 210 1.89 -0.74 24.47
CA ARG C 210 3.29 -0.94 24.78
C ARG C 210 3.42 -1.88 25.97
N ARG C 211 4.17 -2.97 25.78
CA ARG C 211 4.47 -3.92 26.85
C ARG C 211 5.95 -3.82 27.17
N SER C 212 6.25 -3.35 28.38
CA SER C 212 7.60 -3.19 28.88
C SER C 212 8.03 -4.45 29.62
N ASN C 213 9.34 -4.74 29.56
CA ASN C 213 9.90 -5.88 30.26
C ASN C 213 11.38 -5.63 30.55
N THR C 214 11.88 -6.11 31.69
CA THR C 214 13.28 -5.86 32.08
C THR C 214 14.04 -7.17 32.30
N TYR C 215 15.36 -7.12 32.12
CA TYR C 215 16.18 -8.32 32.00
C TYR C 215 17.59 -8.08 32.55
N ARG C 216 18.31 -9.18 32.74
CA ARG C 216 19.74 -9.17 32.97
C ARG C 216 20.38 -10.01 31.86
N VAL C 217 21.50 -9.56 31.32
CA VAL C 217 22.12 -10.28 30.21
C VAL C 217 22.97 -11.39 30.79
N VAL C 218 22.60 -12.63 30.52
CA VAL C 218 23.23 -13.78 31.19
C VAL C 218 24.17 -14.57 30.29
N HIS C 219 24.10 -14.42 28.97
CA HIS C 219 24.84 -15.31 28.07
C HIS C 219 24.93 -14.66 26.69
N THR C 220 26.10 -14.77 26.05
CA THR C 220 26.27 -14.33 24.65
C THR C 220 27.30 -15.20 23.95
N ARG C 221 27.08 -15.42 22.66
CA ARG C 221 28.10 -16.00 21.80
C ARG C 221 28.07 -15.33 20.44
N SER C 222 29.25 -15.12 19.87
CA SER C 222 29.40 -14.61 18.53
C SER C 222 30.09 -15.67 17.68
N ALA C 223 29.73 -15.72 16.40
CA ALA C 223 30.18 -16.77 15.50
C ALA C 223 31.71 -16.91 15.54
N GLY C 224 32.17 -18.14 15.71
CA GLY C 224 33.60 -18.40 15.75
C GLY C 224 34.32 -18.05 17.05
N SER C 225 33.61 -17.94 18.17
CA SER C 225 34.23 -17.73 19.49
C SER C 225 33.48 -18.57 20.52
N PRO C 226 34.12 -18.92 21.62
CA PRO C 226 33.36 -19.55 22.71
C PRO C 226 32.43 -18.53 23.34
N ALA C 227 31.39 -19.03 24.00
CA ALA C 227 30.42 -18.16 24.63
C ALA C 227 31.07 -17.38 25.77
N VAL C 228 30.32 -16.43 26.31
CA VAL C 228 30.67 -15.75 27.55
C VAL C 228 29.41 -15.81 28.42
N SER C 229 29.54 -16.32 29.63
CA SER C 229 28.33 -16.63 30.40
C SER C 229 28.52 -16.32 31.87
N ILE C 230 27.41 -15.88 32.49
CA ILE C 230 27.22 -15.92 33.94
C ILE C 230 26.15 -16.93 34.35
N MET C 231 25.58 -17.66 33.41
CA MET C 231 24.60 -18.68 33.77
C MET C 231 25.31 -19.85 34.45
N ASN C 232 24.52 -20.60 35.20
CA ASN C 232 24.96 -21.85 35.77
C ASN C 232 24.27 -23.01 35.07
N GLN C 233 24.99 -24.11 34.93
CA GLN C 233 24.38 -25.34 34.45
C GLN C 233 23.06 -25.56 35.19
N GLU C 234 21.99 -25.66 34.40
CA GLU C 234 20.61 -25.95 34.79
C GLU C 234 19.76 -24.68 34.89
N GLY C 235 20.29 -23.54 34.46
CA GLY C 235 19.45 -22.41 34.13
C GLY C 235 19.46 -21.25 35.11
N THR C 236 20.06 -21.39 36.29
CA THR C 236 20.28 -20.26 37.18
C THR C 236 21.45 -19.42 36.69
N TRP C 237 21.67 -18.28 37.35
CA TRP C 237 22.77 -17.40 36.99
C TRP C 237 23.13 -16.58 38.23
N GLN C 238 24.42 -16.30 38.35
CA GLN C 238 24.93 -15.42 39.39
C GLN C 238 26.03 -14.59 38.74
N ALA C 239 26.01 -13.27 38.97
CA ALA C 239 27.01 -12.43 38.35
C ALA C 239 28.42 -12.87 38.75
N ARG C 240 29.38 -12.53 37.90
CA ARG C 240 30.78 -12.93 38.03
C ARG C 240 31.31 -13.00 39.46
N PRO D 2 -5.25 -1.98 -37.07
CA PRO D 2 -4.61 -2.69 -35.96
C PRO D 2 -5.58 -3.59 -35.19
N VAL D 3 -5.05 -4.50 -34.38
CA VAL D 3 -5.87 -5.45 -33.64
C VAL D 3 -5.89 -5.04 -32.17
N ILE D 4 -7.01 -5.28 -31.50
CA ILE D 4 -7.09 -5.21 -30.05
C ILE D 4 -7.18 -6.64 -29.52
N ALA D 5 -6.17 -7.06 -28.76
CA ALA D 5 -6.07 -8.44 -28.28
C ALA D 5 -5.66 -8.43 -26.82
N ALA D 6 -6.53 -8.96 -25.96
CA ALA D 6 -6.31 -8.94 -24.52
C ALA D 6 -5.00 -9.63 -24.12
N ASN D 7 -4.33 -9.08 -23.12
CA ASN D 7 -3.16 -9.65 -22.46
C ASN D 7 -1.95 -9.79 -23.37
N ASP D 8 -1.94 -9.15 -24.54
CA ASP D 8 -0.73 -9.21 -25.34
C ASP D 8 0.45 -8.50 -24.68
N GLY D 9 0.22 -7.77 -23.59
CA GLY D 9 1.27 -7.05 -22.90
C GLY D 9 1.52 -5.67 -23.44
N CYS D 10 0.78 -5.25 -24.46
CA CYS D 10 0.89 -3.90 -24.96
C CYS D 10 0.40 -2.92 -23.91
N LEU D 11 0.99 -1.73 -23.93
CA LEU D 11 0.45 -0.56 -23.26
C LEU D 11 -0.38 0.17 -24.30
N THR D 12 -1.68 0.26 -24.07
CA THR D 12 -2.55 0.96 -25.00
C THR D 12 -2.94 2.27 -24.34
N VAL D 13 -2.60 3.37 -25.02
CA VAL D 13 -2.88 4.74 -24.58
C VAL D 13 -4.12 5.23 -25.29
N PHE D 14 -5.00 5.89 -24.54
CA PHE D 14 -6.07 6.70 -25.10
C PHE D 14 -5.65 8.17 -24.99
N ASN D 15 -5.22 8.75 -26.11
CA ASN D 15 -4.84 10.16 -26.15
C ASN D 15 -6.07 10.96 -26.57
N MET D 16 -6.71 11.64 -25.62
CA MET D 16 -8.05 12.19 -25.83
C MET D 16 -8.05 13.71 -25.66
N PHE D 17 -8.33 14.43 -26.75
CA PHE D 17 -8.23 15.88 -26.80
C PHE D 17 -9.57 16.49 -27.18
N THR D 18 -9.96 17.55 -26.48
CA THR D 18 -11.13 18.32 -26.86
C THR D 18 -10.70 19.66 -27.48
N THR D 19 -11.53 20.15 -28.38
CA THR D 19 -11.23 21.38 -29.07
C THR D 19 -12.39 22.35 -28.91
N ASP D 20 -12.08 23.63 -28.97
CA ASP D 20 -13.13 24.62 -28.77
C ASP D 20 -14.12 24.63 -29.93
N THR D 21 -13.62 24.51 -31.16
CA THR D 21 -14.40 24.71 -32.38
C THR D 21 -14.17 23.57 -33.35
N ILE D 22 -15.21 23.21 -34.11
CA ILE D 22 -15.03 22.30 -35.25
C ILE D 22 -13.85 22.74 -36.11
N ASP D 23 -13.62 24.07 -36.20
CA ASP D 23 -12.47 24.60 -36.94
C ASP D 23 -11.17 24.11 -36.34
N GLY D 24 -11.02 24.26 -35.02
CA GLY D 24 -9.80 23.81 -34.37
C GLY D 24 -9.67 22.31 -34.35
N GLN D 25 -10.80 21.58 -34.40
CA GLN D 25 -10.74 20.13 -34.40
C GLN D 25 -10.15 19.60 -35.70
N ARG D 26 -10.56 20.16 -36.85
CA ARG D 26 -9.98 19.74 -38.12
C ARG D 26 -8.50 20.08 -38.22
N GLU D 27 -8.08 21.19 -37.58
CA GLU D 27 -6.65 21.50 -37.48
C GLU D 27 -5.94 20.54 -36.52
N LEU D 28 -6.57 20.20 -35.38
CA LEU D 28 -6.00 19.18 -34.51
C LEU D 28 -5.93 17.83 -35.23
N LEU D 29 -6.97 17.45 -35.97
CA LEU D 29 -6.89 16.21 -36.73
C LEU D 29 -5.74 16.24 -37.72
N LYS D 30 -5.42 17.41 -38.28
CA LYS D 30 -4.34 17.53 -39.25
C LYS D 30 -2.98 17.33 -38.59
N GLU D 31 -2.81 17.82 -37.37
CA GLU D 31 -1.51 17.67 -36.71
C GLU D 31 -1.25 16.20 -36.37
N MET D 32 -2.23 15.53 -35.76
CA MET D 32 -2.34 14.09 -35.85
C MET D 32 -2.42 13.70 -37.33
N ARG D 33 -2.29 12.42 -37.63
CA ARG D 33 -2.03 12.00 -39.01
C ARG D 33 -0.59 12.34 -39.36
N ASP D 34 -0.25 13.63 -39.36
CA ASP D 34 1.13 14.03 -39.61
C ASP D 34 2.05 13.45 -38.53
N ILE D 35 1.65 13.54 -37.27
CA ILE D 35 2.43 12.90 -36.22
C ILE D 35 2.39 11.39 -36.39
N ILE D 36 1.20 10.84 -36.68
CA ILE D 36 1.03 9.42 -37.00
C ILE D 36 1.99 9.00 -38.12
N ASP D 37 1.96 9.71 -39.26
CA ASP D 37 2.70 9.34 -40.47
C ASP D 37 4.21 9.52 -40.36
N ASN D 38 4.75 9.97 -39.21
CA ASN D 38 6.18 10.13 -39.05
C ASN D 38 6.77 9.46 -37.81
N GLY D 39 5.95 8.90 -36.93
CA GLY D 39 6.45 8.21 -35.76
C GLY D 39 7.43 7.10 -36.06
N ASN D 40 8.57 7.11 -35.36
CA ASN D 40 9.62 6.11 -35.50
C ASN D 40 10.34 6.00 -34.16
N PHE D 41 9.66 5.40 -33.17
CA PHE D 41 10.21 5.17 -31.84
C PHE D 41 10.21 3.67 -31.55
N THR D 42 11.19 3.21 -30.76
CA THR D 42 11.39 1.78 -30.55
C THR D 42 10.24 1.19 -29.71
N GLY D 43 9.60 0.16 -30.25
CA GLY D 43 8.48 -0.47 -29.57
C GLY D 43 7.13 0.15 -29.84
N TRP D 44 7.07 1.25 -30.58
CA TRP D 44 5.76 1.76 -31.00
C TRP D 44 5.10 0.74 -31.92
N ARG D 45 3.86 0.36 -31.61
CA ARG D 45 3.21 -0.66 -32.42
C ARG D 45 2.32 -0.06 -33.51
N SER D 46 1.51 0.94 -33.17
CA SER D 46 0.47 1.44 -34.04
C SER D 46 -0.27 2.56 -33.33
N SER D 47 -0.91 3.44 -34.11
CA SER D 47 -1.86 4.40 -33.57
C SER D 47 -2.97 4.66 -34.57
N THR D 48 -4.14 4.99 -34.03
CA THR D 48 -5.40 5.02 -34.78
C THR D 48 -6.19 6.27 -34.40
N LEU D 49 -6.37 7.18 -35.36
CA LEU D 49 -7.01 8.46 -35.08
C LEU D 49 -8.53 8.33 -35.12
N HIS D 50 -9.17 8.81 -34.05
CA HIS D 50 -10.62 8.76 -33.90
C HIS D 50 -11.16 10.19 -33.94
N ALA D 51 -12.09 10.46 -34.84
CA ALA D 51 -12.71 11.77 -34.95
C ALA D 51 -14.07 11.74 -34.27
N GLY D 52 -14.22 12.54 -33.21
CA GLY D 52 -15.43 12.46 -32.40
C GLY D 52 -16.66 12.95 -33.15
N GLN D 53 -17.78 12.26 -32.94
CA GLN D 53 -19.02 12.54 -33.67
C GLN D 53 -19.64 13.88 -33.28
N ASP D 54 -19.21 14.50 -32.18
CA ASP D 54 -19.58 15.87 -31.90
C ASP D 54 -18.67 16.88 -32.57
N GLU D 55 -17.70 16.41 -33.36
CA GLU D 55 -16.72 17.25 -34.07
C GLU D 55 -15.97 18.20 -33.12
N HIS D 56 -15.72 17.76 -31.91
CA HIS D 56 -14.99 18.51 -30.89
C HIS D 56 -13.95 17.67 -30.16
N GLY D 57 -14.26 16.41 -29.88
CA GLY D 57 -13.29 15.52 -29.30
C GLY D 57 -12.55 14.73 -30.36
N THR D 58 -11.29 14.45 -30.09
CA THR D 58 -10.55 13.46 -30.85
C THR D 58 -9.94 12.48 -29.86
N ALA D 59 -9.46 11.37 -30.38
CA ALA D 59 -8.79 10.36 -29.57
C ALA D 59 -7.79 9.63 -30.45
N ASN D 60 -6.62 9.34 -29.91
CA ASN D 60 -5.66 8.48 -30.59
C ASN D 60 -5.44 7.21 -29.77
N TYR D 61 -5.80 6.08 -30.37
CA TYR D 61 -5.61 4.75 -29.79
C TYR D 61 -4.19 4.30 -30.16
N ILE D 62 -3.28 4.34 -29.18
CA ILE D 62 -1.87 4.09 -29.41
C ILE D 62 -1.43 2.82 -28.68
N GLN D 63 -0.60 2.03 -29.36
CA GLN D 63 -0.09 0.76 -28.85
C GLN D 63 1.43 0.83 -28.76
N TRP D 64 1.95 0.74 -27.55
CA TRP D 64 3.37 0.56 -27.32
C TRP D 64 3.63 -0.87 -26.85
N ARG D 65 4.78 -1.41 -27.25
CA ARG D 65 5.14 -2.75 -26.81
C ARG D 65 5.21 -2.82 -25.28
N SER D 66 5.84 -1.83 -24.68
CA SER D 66 6.07 -1.85 -23.25
C SER D 66 5.75 -0.50 -22.65
N LEU D 67 5.18 -0.57 -21.45
CA LEU D 67 4.98 0.58 -20.58
C LEU D 67 6.24 1.44 -20.50
N ALA D 68 7.40 0.87 -20.86
CA ALA D 68 8.71 1.49 -20.82
C ALA D 68 9.16 2.04 -22.16
N ASP D 69 8.91 1.32 -23.26
CA ASP D 69 9.33 1.82 -24.57
C ASP D 69 8.77 3.21 -24.85
N LEU D 70 7.61 3.52 -24.28
CA LEU D 70 7.02 4.85 -24.43
C LEU D 70 8.00 5.95 -24.04
N GLU D 71 8.46 5.87 -22.79
CA GLU D 71 9.49 6.83 -22.30
C GLU D 71 10.72 6.67 -23.19
N ALA D 72 10.91 7.58 -24.14
CA ALA D 72 12.03 7.50 -25.07
C ALA D 72 12.45 8.91 -25.44
N LEU D 86 1.64 17.76 -30.54
CA LEU D 86 0.64 18.60 -31.20
C LEU D 86 0.82 20.05 -30.83
N PHE D 87 1.68 20.75 -31.58
CA PHE D 87 2.35 21.91 -31.03
C PHE D 87 1.80 23.25 -31.49
N LYS D 88 0.81 23.27 -32.41
CA LYS D 88 0.21 24.53 -32.84
C LYS D 88 -1.18 24.74 -32.26
N GLN D 89 -2.11 23.80 -32.48
CA GLN D 89 -3.50 24.08 -32.14
C GLN D 89 -3.72 23.95 -30.63
N ILE D 90 -4.27 25.02 -30.05
CA ILE D 90 -4.64 25.01 -28.64
C ILE D 90 -5.82 24.06 -28.42
N SER D 91 -5.74 23.27 -27.35
CA SER D 91 -6.78 22.33 -26.98
C SER D 91 -7.43 22.75 -25.67
N THR D 92 -8.70 22.39 -25.49
CA THR D 92 -9.44 22.75 -24.28
C THR D 92 -9.42 21.67 -23.20
N SER D 93 -8.91 20.48 -23.49
CA SER D 93 -8.80 19.42 -22.49
C SER D 93 -7.97 18.27 -23.03
N VAL D 94 -6.98 17.83 -22.26
CA VAL D 94 -6.13 16.71 -22.65
C VAL D 94 -6.22 15.65 -21.57
N HIS D 95 -6.06 14.40 -21.98
CA HIS D 95 -6.19 13.24 -21.10
C HIS D 95 -5.32 12.17 -21.70
N LEU D 96 -4.28 11.76 -20.97
CA LEU D 96 -3.35 10.74 -21.48
C LEU D 96 -3.54 9.51 -20.59
N LEU D 97 -4.28 8.54 -21.10
CA LEU D 97 -4.76 7.41 -20.29
C LEU D 97 -3.93 6.18 -20.64
N LYS D 98 -2.96 5.88 -19.78
CA LYS D 98 -2.14 4.68 -19.96
C LYS D 98 -2.90 3.48 -19.39
N THR D 99 -3.28 2.54 -20.26
CA THR D 99 -4.15 1.46 -19.86
C THR D 99 -3.57 0.12 -20.31
N GLU D 100 -4.15 -0.95 -19.78
CA GLU D 100 -3.80 -2.31 -20.18
C GLU D 100 -5.08 -3.00 -20.59
N VAL D 101 -5.07 -3.64 -21.75
CA VAL D 101 -6.23 -4.39 -22.23
C VAL D 101 -6.23 -5.77 -21.55
N VAL D 102 -7.20 -6.01 -20.67
CA VAL D 102 -7.25 -7.26 -19.92
C VAL D 102 -8.42 -8.18 -20.31
N PHE D 103 -9.41 -7.72 -21.07
CA PHE D 103 -10.48 -8.57 -21.54
C PHE D 103 -10.92 -8.11 -22.93
N SER D 104 -11.36 -9.06 -23.77
CA SER D 104 -11.95 -8.70 -25.05
C SER D 104 -12.71 -9.88 -25.66
N GLN D 105 -13.87 -9.57 -26.24
CA GLN D 105 -14.66 -10.53 -27.01
C GLN D 105 -15.23 -9.83 -28.23
N HIS D 106 -15.82 -10.60 -29.13
CA HIS D 106 -16.46 -10.04 -30.32
C HIS D 106 -17.59 -10.96 -30.79
N HIS D 107 -18.36 -10.45 -31.75
CA HIS D 107 -19.35 -11.25 -32.45
C HIS D 107 -18.65 -12.42 -33.17
N PRO D 108 -19.29 -13.60 -33.24
CA PRO D 108 -18.63 -14.74 -33.89
C PRO D 108 -18.31 -14.53 -35.36
N ASP D 109 -19.02 -13.62 -36.04
CA ASP D 109 -18.77 -13.39 -37.45
C ASP D 109 -17.44 -12.67 -37.70
N LEU D 110 -16.84 -12.11 -36.65
CA LEU D 110 -15.55 -11.48 -36.84
C LEU D 110 -14.44 -12.40 -36.40
N PRO D 111 -13.33 -12.46 -37.14
CA PRO D 111 -12.22 -13.31 -36.70
C PRO D 111 -11.54 -12.77 -35.46
N ARG D 112 -11.55 -11.45 -35.28
CA ARG D 112 -10.81 -10.78 -34.21
C ARG D 112 -11.26 -9.33 -34.21
N ILE D 113 -10.99 -8.64 -33.10
CA ILE D 113 -11.24 -7.20 -33.03
C ILE D 113 -10.21 -6.49 -33.90
N GLU D 114 -10.69 -5.81 -34.94
CA GLU D 114 -9.86 -4.95 -35.78
C GLU D 114 -10.40 -3.53 -35.79
N ILE D 115 -9.52 -2.57 -35.58
CA ILE D 115 -9.85 -1.16 -35.74
C ILE D 115 -9.25 -0.73 -37.07
N SER D 116 -10.04 -0.06 -37.89
CA SER D 116 -9.51 0.35 -39.18
C SER D 116 -10.42 1.42 -39.80
N PRO D 117 -9.84 2.39 -40.52
CA PRO D 117 -10.70 3.40 -41.17
C PRO D 117 -11.48 2.85 -42.35
N GLU D 118 -10.97 1.82 -43.04
CA GLU D 118 -11.71 1.20 -44.11
C GLU D 118 -12.95 0.46 -43.61
N ARG D 119 -13.04 0.20 -42.32
CA ARG D 119 -14.28 -0.31 -41.75
C ARG D 119 -15.21 0.88 -41.54
N ASP D 120 -16.43 0.60 -41.10
CA ASP D 120 -17.43 1.63 -40.89
C ASP D 120 -18.05 1.45 -39.50
N ASP D 121 -17.20 1.28 -38.49
CA ASP D 121 -17.69 1.00 -37.14
C ASP D 121 -18.14 2.28 -36.46
N TYR D 122 -19.13 2.14 -35.60
CA TYR D 122 -19.55 3.19 -34.67
C TYR D 122 -18.85 2.88 -33.35
N THR D 123 -17.81 3.64 -33.05
CA THR D 123 -16.91 3.32 -31.95
C THR D 123 -17.29 4.12 -30.70
N VAL D 124 -17.57 3.40 -29.63
CA VAL D 124 -17.86 4.00 -28.33
C VAL D 124 -16.64 3.80 -27.45
N ILE D 125 -16.14 4.87 -26.85
CA ILE D 125 -15.15 4.80 -25.78
C ILE D 125 -15.81 5.32 -24.52
N ILE D 126 -15.88 4.47 -23.50
CA ILE D 126 -16.42 4.84 -22.18
C ILE D 126 -15.29 4.78 -21.18
N VAL D 127 -15.11 5.86 -20.40
CA VAL D 127 -14.08 5.94 -19.37
C VAL D 127 -14.74 6.11 -18.02
N MET D 128 -14.33 5.28 -17.05
CA MET D 128 -15.01 5.14 -15.77
C MET D 128 -14.03 5.32 -14.61
N ASP D 129 -14.36 6.22 -13.69
CA ASP D 129 -13.55 6.39 -12.49
C ASP D 129 -13.98 5.40 -11.43
N VAL D 130 -13.02 4.96 -10.62
CA VAL D 130 -13.29 3.96 -9.60
C VAL D 130 -12.23 4.13 -8.51
N ALA D 131 -12.66 4.09 -7.25
CA ALA D 131 -11.70 4.19 -6.16
C ALA D 131 -10.63 3.11 -6.33
N ALA D 132 -9.38 3.46 -6.03
CA ALA D 132 -8.28 2.54 -6.33
C ALA D 132 -8.41 1.22 -5.58
N GLN D 133 -9.09 1.23 -4.43
CA GLN D 133 -9.36 0.02 -3.68
C GLN D 133 -10.33 -0.91 -4.39
N ASP D 134 -11.15 -0.40 -5.31
CA ASP D 134 -12.21 -1.16 -5.95
C ASP D 134 -11.88 -1.55 -7.39
N GLN D 135 -10.71 -1.15 -7.90
CA GLN D 135 -10.44 -1.27 -9.33
C GLN D 135 -10.32 -2.74 -9.76
N ALA D 136 -9.63 -3.56 -8.97
CA ALA D 136 -9.46 -4.97 -9.34
C ALA D 136 -10.81 -5.68 -9.44
N ALA D 137 -11.65 -5.48 -8.42
CA ALA D 137 -12.99 -6.06 -8.41
C ALA D 137 -13.81 -5.61 -9.64
N LEU D 138 -13.79 -4.31 -9.95
CA LEU D 138 -14.48 -3.82 -11.14
C LEU D 138 -13.92 -4.48 -12.40
N VAL D 139 -12.59 -4.56 -12.51
CA VAL D 139 -12.00 -5.19 -13.69
C VAL D 139 -12.42 -6.66 -13.80
N GLN D 140 -12.37 -7.42 -12.69
CA GLN D 140 -12.66 -8.84 -12.77
C GLN D 140 -14.16 -9.15 -12.91
N VAL D 141 -15.02 -8.27 -12.43
CA VAL D 141 -16.47 -8.42 -12.63
C VAL D 141 -16.85 -8.02 -14.06
N LEU D 142 -16.44 -6.84 -14.50
CA LEU D 142 -16.77 -6.40 -15.85
C LEU D 142 -16.08 -7.25 -16.91
N GLY D 143 -14.84 -7.65 -16.65
CA GLY D 143 -14.02 -8.31 -17.66
C GLY D 143 -14.23 -9.81 -17.77
N ARG D 144 -15.47 -10.24 -18.02
CA ARG D 144 -15.81 -11.65 -18.19
C ARG D 144 -16.63 -11.82 -19.45
N PRO D 145 -16.64 -13.02 -20.01
CA PRO D 145 -17.44 -13.27 -21.21
C PRO D 145 -18.91 -12.92 -21.03
N ASP D 146 -19.46 -12.26 -22.05
CA ASP D 146 -20.88 -11.92 -22.15
C ASP D 146 -21.37 -12.53 -23.46
N GLU D 147 -21.85 -13.78 -23.40
CA GLU D 147 -22.38 -14.43 -24.60
C GLU D 147 -23.68 -13.78 -25.06
N TRP D 148 -24.46 -13.24 -24.14
CA TRP D 148 -25.71 -12.60 -24.50
C TRP D 148 -25.49 -11.42 -25.45
N ILE D 149 -24.60 -10.48 -25.09
CA ILE D 149 -24.46 -9.25 -25.87
C ILE D 149 -24.10 -9.55 -27.33
N LYS D 150 -23.47 -10.71 -27.59
CA LYS D 150 -23.20 -11.14 -28.95
C LYS D 150 -24.48 -11.43 -29.74
N THR D 151 -25.59 -11.67 -29.04
CA THR D 151 -26.90 -11.86 -29.64
C THR D 151 -27.66 -10.56 -29.85
N VAL D 152 -27.00 -9.42 -29.76
CA VAL D 152 -27.67 -8.11 -29.83
C VAL D 152 -27.40 -7.53 -31.20
N PRO D 153 -28.43 -7.06 -31.93
CA PRO D 153 -28.20 -6.50 -33.27
C PRO D 153 -27.29 -5.28 -33.20
N GLY D 154 -26.30 -5.25 -34.09
CA GLY D 154 -25.33 -4.19 -34.11
C GLY D 154 -24.08 -4.43 -33.27
N TYR D 155 -24.13 -5.31 -32.27
CA TYR D 155 -22.94 -5.58 -31.45
C TYR D 155 -21.85 -6.19 -32.31
N LEU D 156 -20.65 -5.62 -32.25
CA LEU D 156 -19.49 -6.18 -32.93
C LEU D 156 -18.40 -6.62 -31.95
N SER D 157 -18.05 -5.79 -30.99
CA SER D 157 -16.96 -6.13 -30.07
C SER D 157 -16.97 -5.16 -28.92
N HIS D 158 -16.21 -5.50 -27.88
CA HIS D 158 -15.86 -4.57 -26.84
C HIS D 158 -14.66 -5.12 -26.07
N ALA D 159 -13.90 -4.20 -25.47
CA ALA D 159 -12.64 -4.49 -24.82
C ALA D 159 -12.58 -3.67 -23.54
N LEU D 160 -12.04 -4.27 -22.48
CA LEU D 160 -11.92 -3.63 -21.18
C LEU D 160 -10.46 -3.33 -20.93
N CYS D 161 -10.15 -2.07 -20.64
CA CYS D 161 -8.78 -1.62 -20.44
C CYS D 161 -8.62 -1.10 -19.02
N ARG D 162 -7.73 -1.74 -18.28
CA ARG D 162 -7.43 -1.34 -16.93
C ARG D 162 -6.47 -0.16 -16.97
N GLY D 163 -6.82 0.93 -16.28
CA GLY D 163 -5.89 2.05 -16.15
C GLY D 163 -4.76 1.72 -15.17
N ILE D 164 -3.51 1.92 -15.62
CA ILE D 164 -2.32 1.56 -14.86
C ILE D 164 -2.31 2.18 -13.46
N ASP D 165 -2.81 3.40 -13.32
CA ASP D 165 -2.69 4.08 -12.03
C ASP D 165 -3.72 3.60 -11.01
N GLY D 166 -4.60 2.67 -11.37
CA GLY D 166 -5.60 2.15 -10.46
C GLY D 166 -6.88 2.96 -10.32
N THR D 167 -7.05 4.07 -11.04
CA THR D 167 -8.17 4.96 -10.72
C THR D 167 -9.28 4.96 -11.76
N PHE D 168 -9.14 4.19 -12.85
CA PHE D 168 -10.16 4.17 -13.89
C PHE D 168 -10.07 2.87 -14.69
N VAL D 169 -11.07 2.67 -15.55
CA VAL D 169 -11.06 1.63 -16.58
C VAL D 169 -11.69 2.21 -17.83
N VAL D 170 -11.39 1.59 -18.97
CA VAL D 170 -11.87 2.06 -20.27
C VAL D 170 -12.55 0.92 -21.03
N LEU D 171 -13.79 1.19 -21.48
CA LEU D 171 -14.52 0.33 -22.39
C LEU D 171 -14.34 0.83 -23.82
N TYR D 172 -13.84 -0.03 -24.70
CA TYR D 172 -13.77 0.24 -26.13
C TYR D 172 -14.73 -0.69 -26.85
N ALA D 173 -15.71 -0.12 -27.57
CA ALA D 173 -16.78 -0.93 -28.15
C ALA D 173 -16.98 -0.63 -29.63
N GLN D 174 -17.27 -1.67 -30.39
CA GLN D 174 -17.60 -1.52 -31.81
C GLN D 174 -19.05 -1.91 -32.02
N TRP D 175 -19.83 -0.99 -32.59
CA TRP D 175 -21.20 -1.26 -33.01
C TRP D 175 -21.32 -0.94 -34.50
N GLU D 176 -22.37 -1.47 -35.13
CA GLU D 176 -22.54 -1.25 -36.56
C GLU D 176 -23.08 0.15 -36.87
N SER D 177 -23.66 0.83 -35.90
CA SER D 177 -24.37 2.08 -36.17
C SER D 177 -24.72 2.76 -34.85
N LYS D 178 -24.73 4.10 -34.88
CA LYS D 178 -25.37 4.87 -33.83
C LYS D 178 -26.75 4.29 -33.49
N GLU D 179 -27.51 3.88 -34.51
CA GLU D 179 -28.86 3.37 -34.32
C GLU D 179 -28.84 2.13 -33.45
N ARG D 180 -27.96 1.18 -33.75
CA ARG D 180 -27.88 -0.06 -32.98
C ARG D 180 -27.40 0.21 -31.56
N TYR D 181 -26.33 0.99 -31.40
CA TYR D 181 -25.80 1.20 -30.06
C TYR D 181 -26.83 1.93 -29.17
N ASP D 182 -27.57 2.87 -29.76
CA ASP D 182 -28.53 3.63 -28.98
C ASP D 182 -29.70 2.75 -28.55
N ALA D 183 -30.16 1.88 -29.43
CA ALA D 183 -31.18 0.90 -29.06
C ALA D 183 -30.71 0.05 -27.89
N PHE D 184 -29.46 -0.43 -27.95
CA PHE D 184 -28.94 -1.27 -26.87
C PHE D 184 -28.83 -0.48 -25.56
N HIS D 185 -28.26 0.73 -25.63
CA HIS D 185 -27.96 1.48 -24.41
C HIS D 185 -29.24 1.87 -23.67
N THR D 186 -30.36 1.99 -24.37
CA THR D 186 -31.60 2.46 -23.78
C THR D 186 -32.62 1.33 -23.59
N MET D 187 -32.36 0.16 -24.14
CA MET D 187 -33.07 -1.07 -23.80
C MET D 187 -33.41 -1.11 -22.32
N PRO D 188 -34.62 -1.52 -21.96
CA PRO D 188 -35.01 -1.49 -20.55
C PRO D 188 -34.26 -2.55 -19.78
N GLU D 189 -33.97 -2.25 -18.51
CA GLU D 189 -33.15 -3.14 -17.73
C GLU D 189 -33.79 -4.52 -17.56
N SER D 190 -35.13 -4.59 -17.57
CA SER D 190 -35.81 -5.88 -17.49
C SER D 190 -35.38 -6.81 -18.63
N ALA D 191 -35.29 -6.26 -19.85
CA ALA D 191 -34.89 -7.00 -21.05
C ALA D 191 -33.45 -7.51 -20.96
N ARG D 192 -32.76 -7.18 -19.89
CA ARG D 192 -31.46 -7.81 -19.81
C ARG D 192 -31.56 -9.14 -19.06
N PRO D 193 -30.73 -10.11 -19.44
CA PRO D 193 -30.74 -11.42 -18.77
C PRO D 193 -30.51 -11.29 -17.28
N GLN D 194 -30.77 -12.39 -16.58
CA GLN D 194 -30.67 -12.43 -15.13
C GLN D 194 -29.29 -12.01 -14.64
N ALA D 195 -28.26 -12.71 -15.10
CA ALA D 195 -26.90 -12.42 -14.64
C ALA D 195 -26.41 -11.06 -15.13
N VAL D 196 -26.86 -10.63 -16.31
CA VAL D 196 -26.47 -9.32 -16.82
C VAL D 196 -26.99 -8.22 -15.90
N ARG D 197 -28.21 -8.38 -15.40
CA ARG D 197 -28.79 -7.35 -14.53
C ARG D 197 -28.06 -7.27 -13.20
N GLU D 198 -27.83 -8.42 -12.54
CA GLU D 198 -27.18 -8.36 -11.23
C GLU D 198 -25.73 -7.90 -11.32
N GLN D 199 -25.02 -8.29 -12.40
CA GLN D 199 -23.68 -7.77 -12.60
C GLN D 199 -23.70 -6.26 -12.81
N ARG D 200 -24.52 -5.78 -13.76
CA ARG D 200 -24.64 -4.35 -13.99
C ARG D 200 -25.17 -3.62 -12.77
N ALA D 201 -25.88 -4.30 -11.87
CA ALA D 201 -26.35 -3.64 -10.65
C ALA D 201 -25.21 -3.41 -9.66
N PHE D 202 -24.44 -4.46 -9.38
CA PHE D 202 -23.35 -4.34 -8.43
C PHE D 202 -22.23 -3.48 -8.97
N THR D 203 -22.04 -3.52 -10.28
CA THR D 203 -20.92 -2.82 -10.88
C THR D 203 -21.17 -1.31 -10.88
N ASP D 204 -22.45 -0.89 -10.96
CA ASP D 204 -22.81 0.52 -10.85
C ASP D 204 -22.50 1.08 -9.48
N THR D 205 -22.34 0.22 -8.47
CA THR D 205 -21.93 0.65 -7.13
C THR D 205 -20.44 0.92 -7.05
N LEU D 206 -19.66 0.45 -8.02
CA LEU D 206 -18.22 0.68 -8.00
C LEU D 206 -17.78 1.85 -8.88
N ILE D 207 -18.52 2.14 -9.94
CA ILE D 207 -18.17 3.22 -10.87
C ILE D 207 -18.52 4.56 -10.23
N THR D 208 -17.51 5.36 -9.91
CA THR D 208 -17.71 6.68 -9.32
C THR D 208 -18.04 7.75 -10.35
N ALA D 209 -17.70 7.54 -11.62
CA ALA D 209 -18.04 8.48 -12.70
C ALA D 209 -17.79 7.76 -14.02
N ARG D 210 -18.49 8.19 -15.05
CA ARG D 210 -18.28 7.57 -16.35
C ARG D 210 -18.54 8.60 -17.44
N ARG D 211 -17.57 8.77 -18.32
CA ARG D 211 -17.65 9.63 -19.50
C ARG D 211 -17.71 8.75 -20.73
N SER D 212 -18.65 9.05 -21.64
CA SER D 212 -18.88 8.30 -22.87
C SER D 212 -18.74 9.21 -24.08
N ASN D 213 -18.07 8.72 -25.12
CA ASN D 213 -17.84 9.48 -26.34
C ASN D 213 -17.92 8.52 -27.53
N THR D 214 -18.32 9.03 -28.70
CA THR D 214 -18.49 8.18 -29.88
C THR D 214 -17.72 8.74 -31.07
N TYR D 215 -17.06 7.85 -31.82
CA TYR D 215 -16.04 8.26 -32.77
C TYR D 215 -16.21 7.49 -34.07
N ARG D 216 -15.36 7.85 -35.03
CA ARG D 216 -15.23 7.15 -36.30
C ARG D 216 -13.75 7.11 -36.64
N VAL D 217 -13.27 5.97 -37.11
CA VAL D 217 -11.83 5.78 -37.33
C VAL D 217 -11.46 6.37 -38.70
N VAL D 218 -10.59 7.38 -38.69
CA VAL D 218 -10.25 8.12 -39.90
C VAL D 218 -8.83 7.86 -40.37
N HIS D 219 -7.97 7.29 -39.53
CA HIS D 219 -6.55 7.21 -39.83
C HIS D 219 -5.90 6.20 -38.89
N THR D 220 -4.89 5.50 -39.40
CA THR D 220 -4.14 4.56 -38.57
C THR D 220 -2.81 4.31 -39.26
N ARG D 221 -1.78 4.03 -38.46
CA ARG D 221 -0.55 3.52 -39.04
C ARG D 221 0.08 2.52 -38.09
N SER D 222 0.72 1.51 -38.67
CA SER D 222 1.44 0.51 -37.93
C SER D 222 2.93 0.64 -38.24
N ALA D 223 3.75 0.27 -37.25
CA ALA D 223 5.20 0.37 -37.31
C ALA D 223 5.77 -0.33 -38.54
N GLY D 224 6.28 0.45 -39.49
CA GLY D 224 6.99 -0.06 -40.66
C GLY D 224 6.21 -0.07 -41.95
N SER D 225 4.90 0.15 -41.91
CA SER D 225 4.06 0.17 -43.10
C SER D 225 3.40 1.54 -43.19
N PRO D 226 2.96 1.95 -44.38
CA PRO D 226 2.38 3.29 -44.54
C PRO D 226 1.04 3.43 -43.83
N ALA D 227 0.56 4.66 -43.80
CA ALA D 227 -0.76 4.94 -43.24
C ALA D 227 -1.84 4.41 -44.17
N VAL D 228 -3.00 4.10 -43.58
CA VAL D 228 -4.25 3.97 -44.32
C VAL D 228 -5.24 4.95 -43.70
N SER D 229 -6.05 5.58 -44.55
CA SER D 229 -6.78 6.78 -44.18
C SER D 229 -8.09 6.90 -44.93
N ILE D 230 -9.03 7.65 -44.35
CA ILE D 230 -10.15 8.19 -45.09
C ILE D 230 -10.17 9.72 -44.99
N MET D 231 -9.01 10.31 -44.69
CA MET D 231 -8.90 11.76 -44.57
C MET D 231 -8.39 12.37 -45.87
N GLN D 233 -8.54 16.39 -43.99
CA GLN D 233 -9.07 17.18 -42.88
C GLN D 233 -10.46 16.69 -42.45
N GLU D 234 -11.15 16.00 -43.36
CA GLU D 234 -12.52 15.54 -43.14
C GLU D 234 -12.67 14.06 -43.49
N GLY D 235 -13.92 13.58 -43.55
CA GLY D 235 -14.17 12.16 -43.60
C GLY D 235 -13.89 11.49 -42.25
#